data_6EE4
#
_entry.id   6EE4
#
_cell.length_a   75.110
_cell.length_b   108.860
_cell.length_c   118.080
_cell.angle_alpha   90.000
_cell.angle_beta   90.000
_cell.angle_gamma   90.000
#
_symmetry.space_group_name_H-M   'P 21 21 21'
#
loop_
_entity.id
_entity.type
_entity.pdbx_description
1 polymer 'M1 family aminopeptidase'
2 non-polymer 'ZINC ION'
3 non-polymer "(2R)-2-[(cyclopropylacetyl)amino]-N-hydroxy-2-(3',4',5'-trifluoro[1,1'-biphenyl]-4-yl)acetamide"
4 non-polymer GLYCEROL
5 non-polymer 'PHOSPHATE ION'
6 non-polymer 'MAGNESIUM ION'
7 water water
#
_entity_poly.entity_id   1
_entity_poly.type   'polypeptide(L)'
_entity_poly.pdbx_seq_one_letter_code
;PKIHYRKDYKPSGFIINQVTLNINIHDQETIVRSVLDMDISKHNVGEDLVFDGVGLKINEISINNKKLVEGEEYTYDNEF
LTIFSKFVPKSKFAFSSEVIIHPETNYALTGLYKSKNIIVSQCEATGFRRITFFIDRPDMMAKYDVTVTADKEKYPVLLS
NGDKVNEFEIPGGRHGARFNDPPLKPCYLFAVVAGDLKHLSATYITKYTKKKVELYVFSEEKYVSKLQWALECLKKSMAF
DEDYFGLEYDLSRLNLVAVSDFNVGAMENKGLNIFNANSLLASKKNSIDFSYARILTVVGHEYFHQYTGNRVTLRDWFQL
TLKEGLTVHRENLFSEEMTKTVTTRLSHVDLLRSVQFLEDSSPLSHPIRPESYVSMENFYTTTVYDKGSEVMRMYLTILG
EEYYKKGFDIYIKKNDGNTATCEDFNYAMEQAYKMKKADNSANLNQYLLWFSQSGTPHVSFKYNYDAEKKQYSIHVNQYT
KPDENQKEKKPLFIPISVGLINPENGKEMISQTTLELTKESDTFVFNNIAVKPIPSLFRGFSAPVYIEDQLTDEERILLL
KYDSDAFVRYNSCTNIYMKQILMNYNEFLKAKNEKLESFQLTPVNAQFIDAIKYLLEDPHADAGFKSYIVSLPQDRYIIN
FVSNLDTDVLADTKEYIYKQIGDKLNDVYYKMFKSLEAKADDLTYFNDESHVDFDQMNMRTLRNTLLSLLSKAQYPNILN
EIIEHSKSPYPSNWLTSLSVSAYFDKYFELYDKTYKLSKDDELLLQEWLKTVSRSDRKDIYEILKKLENEVLKDSKNPND
IRAVYLPFTNNLRRFHDISGKGYKLIAEVITKTDKFNPMVATQLCEPFKLWNKLDTKRQELMLNEMNTMLQEPQISNNLK
EYLLRLTNK
;
_entity_poly.pdbx_strand_id   A
#
# COMPACT_ATOMS: atom_id res chain seq x y z
N PRO A 1 0.70 28.47 5.14
CA PRO A 1 0.60 27.23 4.35
C PRO A 1 -0.45 27.33 3.26
N LYS A 2 -0.04 27.13 2.01
CA LYS A 2 -0.94 27.23 0.88
C LYS A 2 -1.83 25.99 0.81
N ILE A 3 -3.14 26.21 0.76
CA ILE A 3 -4.11 25.13 0.60
C ILE A 3 -4.57 25.13 -0.85
N HIS A 4 -4.43 23.98 -1.51
CA HIS A 4 -4.88 23.79 -2.87
C HIS A 4 -6.27 23.15 -2.83
N TYR A 5 -7.19 23.68 -3.63
CA TYR A 5 -8.58 23.24 -3.62
C TYR A 5 -8.93 22.62 -4.96
N ARG A 6 -9.59 21.46 -4.91
CA ARG A 6 -9.97 20.76 -6.14
C ARG A 6 -10.81 21.63 -7.06
N LYS A 7 -11.75 22.39 -6.49
CA LYS A 7 -12.64 23.23 -7.30
C LYS A 7 -11.90 24.37 -7.99
N ASP A 8 -10.66 24.65 -7.63
CA ASP A 8 -9.92 25.78 -8.17
C ASP A 8 -9.11 25.42 -9.41
N TYR A 9 -9.22 24.19 -9.93
CA TYR A 9 -8.45 23.80 -11.10
C TYR A 9 -8.71 24.74 -12.26
N LYS A 10 -7.63 25.18 -12.91
CA LYS A 10 -7.69 26.00 -14.10
C LYS A 10 -6.47 25.68 -14.94
N PRO A 11 -6.62 25.52 -16.26
CA PRO A 11 -5.46 25.29 -17.12
C PRO A 11 -4.48 26.45 -17.03
N SER A 12 -3.20 26.14 -17.28
CA SER A 12 -2.14 27.14 -17.24
C SER A 12 -2.25 28.12 -18.40
N GLY A 13 -1.77 29.35 -18.17
CA GLY A 13 -1.57 30.32 -19.23
C GLY A 13 -0.37 30.05 -20.12
N PHE A 14 0.35 28.96 -19.85
CA PHE A 14 1.56 28.65 -20.62
C PHE A 14 1.53 27.20 -21.09
N ILE A 15 2.41 26.92 -22.05
CA ILE A 15 2.61 25.59 -22.60
C ILE A 15 4.10 25.31 -22.61
N ILE A 16 4.49 24.09 -22.23
CA ILE A 16 5.87 23.65 -22.38
C ILE A 16 5.84 22.50 -23.37
N ASN A 17 6.43 22.71 -24.55
CA ASN A 17 6.37 21.70 -25.61
C ASN A 17 7.56 20.76 -25.59
N GLN A 18 8.76 21.27 -25.29
CA GLN A 18 9.98 20.49 -25.35
C GLN A 18 10.87 20.84 -24.16
N VAL A 19 11.42 19.81 -23.53
CA VAL A 19 12.40 19.93 -22.46
C VAL A 19 13.70 19.35 -22.98
N THR A 20 14.78 20.14 -22.95
CA THR A 20 16.10 19.63 -23.31
C THR A 20 17.01 19.81 -22.11
N LEU A 21 17.45 18.70 -21.52
CA LEU A 21 18.20 18.70 -20.27
C LEU A 21 19.63 18.23 -20.49
N ASN A 22 20.56 18.86 -19.79
CA ASN A 22 21.92 18.38 -19.61
C ASN A 22 22.17 18.29 -18.12
N ILE A 23 22.37 17.07 -17.61
CA ILE A 23 22.58 16.82 -16.19
C ILE A 23 24.02 16.34 -16.03
N ASN A 24 24.88 17.19 -15.48
CA ASN A 24 26.31 16.89 -15.36
C ASN A 24 26.61 16.63 -13.89
N ILE A 25 26.84 15.35 -13.56
CA ILE A 25 27.08 14.93 -12.18
C ILE A 25 28.56 15.07 -11.88
N HIS A 26 28.88 15.81 -10.82
CA HIS A 26 30.26 15.98 -10.37
C HIS A 26 30.38 15.55 -8.92
N ASP A 27 31.60 15.58 -8.40
CA ASP A 27 31.86 14.96 -7.10
C ASP A 27 31.10 15.68 -5.98
N GLN A 28 31.08 17.00 -5.99
CA GLN A 28 30.47 17.76 -4.91
CA GLN A 28 30.49 17.78 -4.92
C GLN A 28 29.19 18.46 -5.31
N GLU A 29 28.78 18.39 -6.57
CA GLU A 29 27.60 19.09 -7.02
C GLU A 29 27.15 18.50 -8.34
N THR A 30 25.91 18.79 -8.71
CA THR A 30 25.39 18.41 -10.02
C THR A 30 24.85 19.66 -10.67
N ILE A 31 25.27 19.93 -11.91
CA ILE A 31 24.86 21.11 -12.65
C ILE A 31 23.80 20.67 -13.66
N VAL A 32 22.66 21.35 -13.66
CA VAL A 32 21.55 21.02 -14.54
C VAL A 32 21.29 22.19 -15.47
N ARG A 33 21.48 21.98 -16.77
CA ARG A 33 21.12 22.95 -17.79
CA ARG A 33 21.12 22.94 -17.80
C ARG A 33 19.82 22.50 -18.44
N SER A 34 18.91 23.44 -18.63
CA SER A 34 17.61 23.07 -19.20
C SER A 34 17.15 24.16 -20.14
N VAL A 35 16.71 23.77 -21.33
CA VAL A 35 16.04 24.66 -22.28
C VAL A 35 14.61 24.19 -22.41
N LEU A 36 13.67 25.08 -22.15
CA LEU A 36 12.24 24.77 -22.29
C LEU A 36 11.71 25.54 -23.48
N ASP A 37 11.18 24.82 -24.47
CA ASP A 37 10.56 25.49 -25.60
C ASP A 37 9.09 25.68 -25.24
N MET A 38 8.66 26.93 -25.15
CA MET A 38 7.40 27.26 -24.51
C MET A 38 6.51 28.06 -25.44
N ASP A 39 5.25 28.18 -25.03
CA ASP A 39 4.28 28.94 -25.78
C ASP A 39 3.27 29.54 -24.81
N ILE A 40 2.47 30.45 -25.35
CA ILE A 40 1.39 31.11 -24.61
C ILE A 40 0.09 30.37 -24.91
N SER A 41 -0.63 29.94 -23.87
CA SER A 41 -1.86 29.18 -24.09
C SER A 41 -3.05 30.12 -24.29
N LYS A 42 -4.16 29.54 -24.73
CA LYS A 42 -5.38 30.32 -24.93
C LYS A 42 -5.91 30.89 -23.62
N HIS A 43 -5.48 30.36 -22.48
CA HIS A 43 -5.96 30.81 -21.19
C HIS A 43 -5.12 31.94 -20.60
N ASN A 44 -4.05 32.32 -21.29
CA ASN A 44 -3.16 33.36 -20.80
C ASN A 44 -3.89 34.70 -20.70
N VAL A 45 -3.63 35.44 -19.62
CA VAL A 45 -4.22 36.77 -19.44
C VAL A 45 -3.11 37.78 -19.14
N GLY A 46 -1.91 37.52 -19.65
CA GLY A 46 -0.80 38.42 -19.45
C GLY A 46 -0.14 38.34 -18.09
N GLU A 47 -0.25 37.21 -17.42
CA GLU A 47 0.29 37.05 -16.07
C GLU A 47 1.81 36.92 -16.09
N ASP A 48 2.42 37.15 -14.92
CA ASP A 48 3.82 36.79 -14.73
C ASP A 48 4.03 35.31 -15.07
N LEU A 49 5.22 35.00 -15.58
CA LEU A 49 5.63 33.61 -15.78
C LEU A 49 6.24 33.13 -14.47
N VAL A 50 5.59 32.17 -13.81
CA VAL A 50 6.05 31.65 -12.52
C VAL A 50 6.38 30.18 -12.66
N PHE A 51 7.64 29.84 -12.38
CA PHE A 51 8.11 28.47 -12.36
C PHE A 51 8.22 27.98 -10.93
N ASP A 52 7.86 26.72 -10.72
CA ASP A 52 8.29 26.03 -9.51
C ASP A 52 9.79 25.76 -9.59
N GLY A 53 10.47 25.96 -8.46
CA GLY A 53 11.86 25.59 -8.35
C GLY A 53 12.29 25.68 -6.91
N VAL A 54 12.61 24.54 -6.29
CA VAL A 54 12.79 24.48 -4.85
C VAL A 54 14.23 24.12 -4.54
N GLY A 55 14.93 25.00 -3.83
CA GLY A 55 16.28 24.67 -3.44
C GLY A 55 17.31 24.72 -4.55
N LEU A 56 17.03 25.43 -5.63
CA LEU A 56 17.95 25.51 -6.75
C LEU A 56 18.90 26.69 -6.56
N LYS A 57 20.16 26.49 -6.93
CA LYS A 57 21.14 27.58 -6.97
C LYS A 57 21.28 28.05 -8.40
N ILE A 58 20.88 29.30 -8.66
CA ILE A 58 20.87 29.83 -10.03
C ILE A 58 22.27 30.25 -10.46
N ASN A 59 22.75 29.66 -11.56
CA ASN A 59 23.92 30.19 -12.25
C ASN A 59 23.51 31.24 -13.27
N GLU A 60 22.52 30.93 -14.10
CA GLU A 60 21.92 31.97 -14.93
C GLU A 60 20.59 31.50 -15.46
N ILE A 61 19.78 32.47 -15.88
CA ILE A 61 18.54 32.17 -16.59
C ILE A 61 18.44 33.12 -17.77
N SER A 62 17.78 32.66 -18.83
CA SER A 62 17.69 33.44 -20.06
CA SER A 62 17.67 33.48 -20.02
C SER A 62 16.35 33.18 -20.72
N ILE A 63 15.93 34.13 -21.55
CA ILE A 63 14.78 33.99 -22.43
C ILE A 63 15.26 34.35 -23.83
N ASN A 64 15.07 33.45 -24.79
CA ASN A 64 15.58 33.61 -26.15
C ASN A 64 17.05 34.02 -26.15
N ASN A 65 17.84 33.32 -25.32
CA ASN A 65 19.29 33.47 -25.24
C ASN A 65 19.71 34.86 -24.79
N LYS A 66 18.82 35.59 -24.13
CA LYS A 66 19.19 36.86 -23.50
C LYS A 66 19.14 36.66 -21.99
N LYS A 67 20.29 36.82 -21.35
CA LYS A 67 20.41 36.66 -19.91
C LYS A 67 19.47 37.61 -19.19
N LEU A 68 18.68 37.09 -18.25
CA LEU A 68 17.85 37.93 -17.40
C LEU A 68 18.60 38.31 -16.14
N VAL A 69 18.22 39.45 -15.56
CA VAL A 69 18.93 40.02 -14.42
C VAL A 69 18.02 39.97 -13.20
N GLU A 70 18.58 39.48 -12.10
CA GLU A 70 17.81 39.35 -10.86
CA GLU A 70 17.81 39.35 -10.86
C GLU A 70 17.36 40.72 -10.37
N GLY A 71 16.15 40.77 -9.83
CA GLY A 71 15.62 42.01 -9.29
C GLY A 71 14.81 42.81 -10.30
N GLU A 72 15.45 43.13 -11.44
CA GLU A 72 14.78 43.92 -12.47
C GLU A 72 13.81 43.10 -13.29
N GLU A 73 14.21 41.88 -13.68
CA GLU A 73 13.40 41.06 -14.56
C GLU A 73 12.89 39.78 -13.92
N TYR A 74 13.52 39.31 -12.85
CA TYR A 74 12.97 38.16 -12.14
C TYR A 74 13.31 38.25 -10.66
N THR A 75 12.56 37.51 -9.87
CA THR A 75 12.88 37.24 -8.47
C THR A 75 12.83 35.74 -8.25
N TYR A 76 13.66 35.26 -7.33
CA TYR A 76 13.65 33.85 -6.93
C TYR A 76 13.70 33.78 -5.41
N ASP A 77 12.76 33.05 -4.81
CA ASP A 77 12.67 32.99 -3.36
C ASP A 77 12.89 31.58 -2.81
N ASN A 78 13.56 30.72 -3.59
CA ASN A 78 13.89 29.33 -3.26
C ASN A 78 12.69 28.41 -3.40
N GLU A 79 11.56 28.92 -3.90
CA GLU A 79 10.37 28.12 -4.10
C GLU A 79 9.76 28.41 -5.46
N PHE A 80 9.70 29.69 -5.82
CA PHE A 80 9.12 30.15 -7.07
C PHE A 80 10.07 31.10 -7.79
N LEU A 81 10.22 30.90 -9.09
CA LEU A 81 10.92 31.84 -9.96
C LEU A 81 9.86 32.64 -10.69
N THR A 82 9.82 33.94 -10.45
CA THR A 82 8.85 34.83 -11.08
C THR A 82 9.55 35.68 -12.12
N ILE A 83 9.13 35.57 -13.37
CA ILE A 83 9.58 36.48 -14.42
C ILE A 83 8.45 37.47 -14.71
N PHE A 84 8.72 38.75 -14.50
CA PHE A 84 7.67 39.75 -14.62
C PHE A 84 7.14 39.77 -16.05
N SER A 85 5.82 39.90 -16.18
CA SER A 85 5.18 39.63 -17.46
C SER A 85 5.66 40.57 -18.56
N LYS A 86 6.09 41.80 -18.21
CA LYS A 86 6.63 42.69 -19.22
C LYS A 86 7.82 42.08 -19.96
N PHE A 87 8.48 41.08 -19.38
CA PHE A 87 9.63 40.45 -20.00
C PHE A 87 9.32 39.07 -20.58
N VAL A 88 8.07 38.64 -20.50
CA VAL A 88 7.63 37.35 -21.05
C VAL A 88 7.19 37.55 -22.49
N PRO A 89 7.70 36.77 -23.44
CA PRO A 89 7.29 36.94 -24.84
C PRO A 89 5.81 36.64 -25.03
N LYS A 90 5.27 37.11 -26.16
CA LYS A 90 3.87 36.94 -26.50
C LYS A 90 3.63 35.76 -27.43
N SER A 91 4.69 35.14 -27.95
CA SER A 91 4.60 33.99 -28.83
CA SER A 91 4.55 33.96 -28.80
C SER A 91 5.60 32.95 -28.37
N LYS A 92 5.79 31.91 -29.18
CA LYS A 92 6.72 30.84 -28.84
C LYS A 92 8.08 31.40 -28.47
N PHE A 93 8.65 30.89 -27.38
CA PHE A 93 9.92 31.37 -26.88
C PHE A 93 10.65 30.24 -26.17
N ALA A 94 11.94 30.45 -25.93
CA ALA A 94 12.79 29.50 -25.25
C ALA A 94 13.19 30.08 -23.90
N PHE A 95 12.97 29.34 -22.84
CA PHE A 95 13.48 29.69 -21.51
C PHE A 95 14.62 28.73 -21.17
N SER A 96 15.73 29.27 -20.73
CA SER A 96 16.86 28.41 -20.39
C SER A 96 17.39 28.77 -19.01
N SER A 97 17.94 27.78 -18.34
CA SER A 97 18.52 28.03 -17.03
C SER A 97 19.65 27.05 -16.78
N GLU A 98 20.58 27.46 -15.92
CA GLU A 98 21.57 26.55 -15.37
C GLU A 98 21.52 26.70 -13.86
N VAL A 99 21.34 25.58 -13.17
CA VAL A 99 21.24 25.56 -11.72
C VAL A 99 22.18 24.51 -11.18
N ILE A 100 22.46 24.62 -9.88
CA ILE A 100 23.31 23.68 -9.16
C ILE A 100 22.47 23.04 -8.06
N ILE A 101 22.55 21.72 -7.95
CA ILE A 101 21.89 20.95 -6.92
C ILE A 101 22.91 19.98 -6.34
N HIS A 102 22.54 19.32 -5.25
CA HIS A 102 23.50 18.56 -4.45
C HIS A 102 22.91 17.22 -4.01
N PRO A 103 22.89 16.23 -4.90
CA PRO A 103 22.26 14.94 -4.55
C PRO A 103 22.92 14.24 -3.36
N GLU A 104 24.21 14.47 -3.12
CA GLU A 104 24.92 13.75 -2.07
C GLU A 104 24.29 13.99 -0.70
N THR A 105 23.81 15.20 -0.46
CA THR A 105 23.26 15.57 0.84
C THR A 105 21.75 15.65 0.83
N ASN A 106 21.10 15.11 -0.20
CA ASN A 106 19.64 15.20 -0.33
C ASN A 106 19.06 13.98 0.37
N TYR A 107 19.00 14.05 1.70
CA TYR A 107 18.55 12.90 2.47
C TYR A 107 17.04 12.74 2.53
N ALA A 108 16.28 13.67 1.95
CA ALA A 108 14.83 13.55 1.92
C ALA A 108 14.36 12.61 0.81
N LEU A 109 15.26 12.24 -0.12
CA LEU A 109 15.02 11.24 -1.15
C LEU A 109 13.92 11.69 -2.12
N THR A 110 13.86 13.00 -2.38
CA THR A 110 12.96 13.58 -3.36
C THR A 110 13.76 14.50 -4.26
N GLY A 111 13.42 14.54 -5.55
CA GLY A 111 14.31 15.21 -6.48
C GLY A 111 15.42 14.28 -6.94
N LEU A 112 16.64 14.80 -7.09
CA LEU A 112 17.79 14.00 -7.45
C LEU A 112 18.60 13.72 -6.18
N TYR A 113 18.88 12.45 -5.89
CA TYR A 113 19.58 12.15 -4.65
C TYR A 113 20.52 10.97 -4.87
N LYS A 114 21.37 10.75 -3.89
CA LYS A 114 22.32 9.64 -3.93
C LYS A 114 21.89 8.58 -2.92
N SER A 115 21.75 7.34 -3.40
CA SER A 115 21.43 6.21 -2.54
C SER A 115 22.63 5.28 -2.62
N LYS A 116 23.41 5.23 -1.53
CA LYS A 116 24.67 4.53 -1.51
C LYS A 116 25.53 5.11 -2.63
N ASN A 117 25.86 4.32 -3.65
CA ASN A 117 26.68 4.80 -4.77
C ASN A 117 25.87 4.98 -6.07
N ILE A 118 24.55 5.09 -5.97
CA ILE A 118 23.68 5.29 -7.13
C ILE A 118 23.05 6.68 -7.05
N ILE A 119 23.15 7.43 -8.14
CA ILE A 119 22.39 8.66 -8.29
C ILE A 119 21.03 8.32 -8.88
N VAL A 120 19.96 8.82 -8.26
CA VAL A 120 18.62 8.40 -8.63
C VAL A 120 17.66 9.54 -8.39
N SER A 121 16.61 9.62 -9.19
CA SER A 121 15.60 10.66 -9.02
C SER A 121 14.29 10.07 -8.50
N GLN A 122 13.52 10.91 -7.82
CA GLN A 122 12.14 10.60 -7.47
C GLN A 122 11.35 11.90 -7.62
N CYS A 123 10.52 11.97 -8.64
CA CYS A 123 9.85 13.20 -9.01
C CYS A 123 8.37 13.26 -8.65
N GLU A 124 7.68 12.13 -8.54
CA GLU A 124 6.30 12.19 -8.10
C GLU A 124 6.28 12.62 -6.63
N ALA A 125 5.36 13.52 -6.24
CA ALA A 125 4.43 14.24 -7.09
C ALA A 125 5.04 15.52 -7.66
N THR A 126 5.68 16.31 -6.80
CA THR A 126 6.21 17.62 -7.18
C THR A 126 7.69 17.72 -6.86
N GLY A 127 8.44 16.66 -7.19
CA GLY A 127 9.88 16.65 -7.03
C GLY A 127 10.67 17.11 -8.24
N PHE A 128 10.07 17.19 -9.43
CA PHE A 128 10.86 17.65 -10.57
C PHE A 128 11.37 19.07 -10.35
N ARG A 129 10.59 19.89 -9.63
CA ARG A 129 11.00 21.27 -9.33
C ARG A 129 12.23 21.34 -8.43
N ARG A 130 12.65 20.22 -7.83
CA ARG A 130 13.87 20.17 -7.07
C ARG A 130 15.07 19.86 -7.95
N ILE A 131 14.82 19.60 -9.24
CA ILE A 131 15.87 19.32 -10.21
C ILE A 131 16.09 20.50 -11.14
N THR A 132 15.03 21.11 -11.64
CA THR A 132 15.15 22.32 -12.45
C THR A 132 13.83 23.06 -12.41
N PHE A 133 13.81 24.25 -12.99
CA PHE A 133 12.59 25.05 -13.03
C PHE A 133 11.54 24.40 -13.94
N PHE A 134 10.29 24.42 -13.51
CA PHE A 134 9.24 23.86 -14.33
C PHE A 134 7.90 24.37 -13.82
N ILE A 135 6.88 24.25 -14.66
CA ILE A 135 5.50 24.42 -14.20
C ILE A 135 5.07 23.02 -13.78
N ASP A 136 5.30 22.69 -12.51
CA ASP A 136 5.41 21.30 -12.03
C ASP A 136 4.02 20.81 -11.64
N ARG A 137 3.26 20.39 -12.65
CA ARG A 137 1.90 19.88 -12.51
C ARG A 137 1.63 18.94 -13.66
N PRO A 138 0.85 17.89 -13.45
CA PRO A 138 0.79 16.78 -14.43
C PRO A 138 0.10 17.14 -15.74
N ASP A 139 -0.63 18.26 -15.82
CA ASP A 139 -1.24 18.62 -17.10
C ASP A 139 -0.32 19.39 -18.02
N MET A 140 0.94 19.60 -17.64
CA MET A 140 1.93 20.27 -18.47
C MET A 140 2.76 19.21 -19.17
N MET A 141 2.23 18.68 -20.28
CA MET A 141 2.84 17.56 -20.96
C MET A 141 3.83 18.05 -22.01
N ALA A 142 4.96 17.35 -22.13
CA ALA A 142 6.06 17.83 -22.95
C ALA A 142 6.89 16.65 -23.45
N LYS A 143 7.70 16.92 -24.49
CA LYS A 143 8.70 16.01 -24.99
C LYS A 143 10.01 16.24 -24.25
N TYR A 144 10.78 15.17 -24.04
CA TYR A 144 12.01 15.23 -23.25
C TYR A 144 13.21 14.72 -24.04
N ASP A 145 14.28 15.51 -24.03
CA ASP A 145 15.57 15.16 -24.64
C ASP A 145 16.61 15.37 -23.54
N VAL A 146 17.20 14.29 -23.04
CA VAL A 146 17.95 14.32 -21.79
C VAL A 146 19.34 13.76 -22.01
N THR A 147 20.36 14.54 -21.66
CA THR A 147 21.75 14.10 -21.66
C THR A 147 22.26 14.07 -20.24
N VAL A 148 22.90 12.96 -19.87
CA VAL A 148 23.49 12.79 -18.55
C VAL A 148 24.98 12.55 -18.73
N THR A 149 25.81 13.27 -17.97
CA THR A 149 27.25 13.03 -17.99
C THR A 149 27.74 12.80 -16.57
N ALA A 150 28.83 12.04 -16.46
CA ALA A 150 29.29 11.62 -15.14
C ALA A 150 30.67 10.98 -15.29
N ASP A 151 31.35 10.83 -14.15
CA ASP A 151 32.59 10.07 -14.13
C ASP A 151 32.33 8.63 -14.56
N LYS A 152 33.13 8.14 -15.50
CA LYS A 152 32.82 6.84 -16.11
C LYS A 152 33.06 5.69 -15.14
N GLU A 153 34.13 5.75 -14.35
CA GLU A 153 34.42 4.64 -13.44
C GLU A 153 33.36 4.54 -12.34
N LYS A 154 32.92 5.67 -11.79
CA LYS A 154 31.92 5.60 -10.72
C LYS A 154 30.51 5.35 -11.26
N TYR A 155 30.22 5.83 -12.46
CA TYR A 155 28.85 5.80 -12.99
C TYR A 155 28.84 5.26 -14.42
N PRO A 156 29.21 3.99 -14.62
CA PRO A 156 29.28 3.47 -16.00
C PRO A 156 27.92 3.27 -16.64
N VAL A 157 26.86 3.10 -15.86
CA VAL A 157 25.52 2.90 -16.39
C VAL A 157 24.73 4.18 -16.20
N LEU A 158 24.24 4.72 -17.31
CA LEU A 158 23.42 5.93 -17.34
C LEU A 158 22.06 5.58 -17.96
N LEU A 159 20.99 6.00 -17.31
CA LEU A 159 19.66 5.69 -17.81
C LEU A 159 18.75 6.91 -17.66
N SER A 160 17.88 7.11 -18.64
CA SER A 160 16.73 8.00 -18.47
C SER A 160 15.58 7.43 -19.29
N ASN A 161 14.50 8.21 -19.45
CA ASN A 161 13.36 7.77 -20.24
C ASN A 161 13.68 7.81 -21.73
N GLY A 162 12.99 6.98 -22.50
CA GLY A 162 13.10 7.04 -23.95
C GLY A 162 14.21 6.18 -24.51
N ASP A 163 14.54 6.43 -25.77
CA ASP A 163 15.58 5.65 -26.44
C ASP A 163 16.94 6.28 -26.21
N LYS A 164 17.93 5.46 -25.88
CA LYS A 164 19.31 5.94 -25.81
C LYS A 164 19.81 6.15 -27.23
N VAL A 165 20.06 7.41 -27.60
CA VAL A 165 20.41 7.75 -28.98
C VAL A 165 21.87 8.11 -29.16
N ASN A 166 22.62 8.38 -28.09
CA ASN A 166 24.05 8.61 -28.23
C ASN A 166 24.76 8.27 -26.94
N GLU A 167 26.00 7.80 -27.09
CA GLU A 167 26.90 7.55 -25.97
C GLU A 167 28.24 8.11 -26.40
N PHE A 168 28.92 8.85 -25.51
CA PHE A 168 30.14 9.52 -25.94
C PHE A 168 31.10 9.65 -24.77
N GLU A 169 32.38 9.77 -25.12
CA GLU A 169 33.42 9.98 -24.14
C GLU A 169 33.65 11.47 -23.93
N ILE A 170 34.13 11.82 -22.74
CA ILE A 170 34.36 13.21 -22.34
C ILE A 170 35.74 13.28 -21.69
N PRO A 171 36.54 14.31 -21.97
CA PRO A 171 37.86 14.43 -21.33
C PRO A 171 37.77 14.35 -19.82
N GLY A 172 38.85 13.87 -19.21
CA GLY A 172 38.91 13.80 -17.76
C GLY A 172 38.24 12.58 -17.17
N GLY A 173 38.09 11.50 -17.93
CA GLY A 173 37.52 10.28 -17.39
C GLY A 173 36.01 10.26 -17.30
N ARG A 174 35.33 11.13 -18.03
CA ARG A 174 33.88 11.24 -17.99
C ARG A 174 33.27 10.63 -19.24
N HIS A 175 31.95 10.48 -19.22
CA HIS A 175 31.22 10.01 -20.39
CA HIS A 175 31.22 10.01 -20.39
C HIS A 175 29.78 10.49 -20.28
N GLY A 176 29.08 10.43 -21.41
CA GLY A 176 27.71 10.89 -21.44
C GLY A 176 26.83 9.93 -22.21
N ALA A 177 25.52 10.06 -21.98
CA ALA A 177 24.52 9.38 -22.78
C ALA A 177 23.35 10.32 -23.01
N ARG A 178 22.78 10.28 -24.21
CA ARG A 178 21.64 11.09 -24.57
C ARG A 178 20.43 10.19 -24.82
N PHE A 179 19.30 10.54 -24.20
CA PHE A 179 18.04 9.80 -24.27
C PHE A 179 16.96 10.72 -24.84
N ASN A 180 16.31 10.29 -25.92
CA ASN A 180 15.22 11.06 -26.51
C ASN A 180 13.92 10.31 -26.31
N ASP A 181 12.91 11.00 -25.76
CA ASP A 181 11.62 10.40 -25.41
C ASP A 181 10.54 11.25 -26.08
N PRO A 182 10.19 10.94 -27.33
CA PRO A 182 9.26 11.82 -28.09
C PRO A 182 7.83 11.87 -27.55
N PRO A 183 7.26 10.77 -27.01
CA PRO A 183 5.86 10.88 -26.54
C PRO A 183 5.73 11.86 -25.39
N LEU A 184 4.66 12.66 -25.43
CA LEU A 184 4.40 13.62 -24.36
C LEU A 184 4.27 12.90 -23.02
N LYS A 185 4.80 13.53 -21.96
CA LYS A 185 4.60 12.99 -20.61
C LYS A 185 4.62 14.12 -19.60
N PRO A 186 3.96 13.93 -18.46
CA PRO A 186 4.12 14.87 -17.35
C PRO A 186 5.48 14.71 -16.68
N CYS A 187 5.93 15.79 -16.02
CA CYS A 187 7.28 15.78 -15.48
C CYS A 187 7.45 14.82 -14.30
N TYR A 188 6.37 14.43 -13.61
CA TYR A 188 6.56 13.50 -12.50
C TYR A 188 7.00 12.12 -12.98
N LEU A 189 6.91 11.83 -14.28
CA LEU A 189 7.33 10.55 -14.83
C LEU A 189 8.75 10.60 -15.38
N PHE A 190 9.40 11.76 -15.31
CA PHE A 190 10.83 11.87 -15.63
C PHE A 190 11.65 11.08 -14.63
N ALA A 191 12.70 10.40 -15.11
CA ALA A 191 13.66 9.80 -14.20
C ALA A 191 15.05 9.75 -14.82
N VAL A 192 16.04 9.71 -13.94
CA VAL A 192 17.44 9.49 -14.31
CA VAL A 192 17.45 9.52 -14.29
C VAL A 192 18.08 8.61 -13.25
N VAL A 193 18.97 7.73 -13.70
CA VAL A 193 19.75 6.84 -12.84
C VAL A 193 21.18 6.82 -13.34
N ALA A 194 22.14 6.89 -12.42
CA ALA A 194 23.54 6.71 -12.78
C ALA A 194 24.20 5.83 -11.72
N GLY A 195 24.93 4.80 -12.14
CA GLY A 195 25.57 3.97 -11.14
C GLY A 195 26.35 2.84 -11.76
N ASP A 196 27.07 2.13 -10.90
CA ASP A 196 27.79 0.93 -11.31
C ASP A 196 26.83 -0.27 -11.19
N LEU A 197 25.84 -0.29 -12.08
CA LEU A 197 24.76 -1.24 -11.99
C LEU A 197 25.06 -2.50 -12.80
N LYS A 198 24.63 -3.64 -12.27
CA LYS A 198 24.66 -4.93 -12.96
C LYS A 198 23.22 -5.35 -13.25
N HIS A 199 23.04 -6.26 -14.21
CA HIS A 199 21.68 -6.50 -14.67
C HIS A 199 21.47 -7.96 -15.08
N LEU A 200 20.21 -8.34 -15.09
CA LEU A 200 19.71 -9.47 -15.86
C LEU A 200 18.81 -8.93 -16.95
N SER A 201 18.70 -9.66 -18.06
CA SER A 201 17.88 -9.17 -19.15
C SER A 201 17.19 -10.32 -19.87
N ALA A 202 16.12 -9.99 -20.57
CA ALA A 202 15.37 -10.95 -21.36
C ALA A 202 14.67 -10.21 -22.49
N THR A 203 14.17 -10.96 -23.47
CA THR A 203 13.37 -10.37 -24.54
C THR A 203 11.97 -10.93 -24.46
N TYR A 204 10.99 -10.04 -24.51
CA TYR A 204 9.56 -10.39 -24.49
C TYR A 204 8.95 -9.98 -25.82
N ILE A 205 8.16 -10.88 -26.42
CA ILE A 205 7.53 -10.60 -27.71
C ILE A 205 6.04 -10.42 -27.46
N THR A 206 5.50 -9.28 -27.88
CA THR A 206 4.11 -8.98 -27.52
C THR A 206 3.15 -9.91 -28.28
N LYS A 207 1.93 -10.00 -27.75
CA LYS A 207 0.99 -11.03 -28.19
C LYS A 207 0.44 -10.73 -29.59
N TYR A 208 0.17 -9.47 -29.90
CA TYR A 208 -0.53 -9.14 -31.14
C TYR A 208 0.36 -8.45 -32.16
N THR A 209 1.04 -7.36 -31.77
CA THR A 209 1.93 -6.67 -32.68
C THR A 209 3.25 -7.42 -32.88
N LYS A 210 3.54 -8.42 -32.04
CA LYS A 210 4.78 -9.20 -32.12
C LYS A 210 6.01 -8.32 -32.02
N LYS A 211 5.91 -7.24 -31.24
CA LYS A 211 7.05 -6.36 -31.00
C LYS A 211 8.01 -7.01 -30.01
N LYS A 212 9.30 -6.88 -30.28
CA LYS A 212 10.34 -7.30 -29.36
C LYS A 212 10.58 -6.22 -28.32
N VAL A 213 10.44 -6.57 -27.05
CA VAL A 213 10.67 -5.66 -25.95
C VAL A 213 11.83 -6.18 -25.13
N GLU A 214 12.85 -5.34 -24.96
CA GLU A 214 14.00 -5.68 -24.13
CA GLU A 214 13.99 -5.68 -24.12
C GLU A 214 13.69 -5.35 -22.67
N LEU A 215 13.86 -6.34 -21.80
CA LEU A 215 13.57 -6.20 -20.37
C LEU A 215 14.89 -6.24 -19.61
N TYR A 216 15.13 -5.23 -18.78
CA TYR A 216 16.36 -5.13 -18.00
C TYR A 216 16.00 -4.90 -16.53
N VAL A 217 16.66 -5.63 -15.64
CA VAL A 217 16.50 -5.42 -14.20
C VAL A 217 17.89 -5.18 -13.62
N PHE A 218 18.04 -4.10 -12.85
CA PHE A 218 19.34 -3.61 -12.38
C PHE A 218 19.39 -3.59 -10.85
N SER A 219 20.60 -3.85 -10.33
CA SER A 219 20.91 -3.65 -8.92
C SER A 219 22.40 -3.36 -8.79
N GLU A 220 22.82 -2.95 -7.60
CA GLU A 220 24.25 -2.95 -7.32
C GLU A 220 24.82 -4.35 -7.46
N GLU A 221 26.13 -4.41 -7.72
CA GLU A 221 26.77 -5.68 -8.07
C GLU A 221 26.62 -6.72 -6.97
N LYS A 222 26.65 -6.29 -5.70
CA LYS A 222 26.60 -7.23 -4.58
C LYS A 222 25.33 -8.08 -4.61
N TYR A 223 24.24 -7.55 -5.17
CA TYR A 223 22.96 -8.23 -5.05
C TYR A 223 22.39 -8.66 -6.40
N VAL A 224 23.22 -8.71 -7.44
CA VAL A 224 22.71 -9.01 -8.78
C VAL A 224 22.05 -10.39 -8.80
N SER A 225 22.48 -11.31 -7.94
CA SER A 225 21.89 -12.65 -7.89
C SER A 225 20.50 -12.67 -7.27
N LYS A 226 19.95 -11.52 -6.87
CA LYS A 226 18.61 -11.46 -6.30
C LYS A 226 17.60 -10.87 -7.28
N LEU A 227 17.95 -10.81 -8.57
CA LEU A 227 17.12 -10.13 -9.57
C LEU A 227 16.20 -11.07 -10.34
N GLN A 228 16.37 -12.40 -10.22
CA GLN A 228 15.70 -13.32 -11.13
C GLN A 228 14.18 -13.26 -10.97
N TRP A 229 13.69 -13.29 -9.73
CA TRP A 229 12.23 -13.35 -9.55
C TRP A 229 11.57 -12.10 -10.11
N ALA A 230 12.16 -10.92 -9.89
CA ALA A 230 11.61 -9.70 -10.45
C ALA A 230 11.43 -9.78 -11.97
N LEU A 231 12.43 -10.33 -12.66
CA LEU A 231 12.32 -10.46 -14.12
C LEU A 231 11.18 -11.39 -14.51
N GLU A 232 11.05 -12.51 -13.81
CA GLU A 232 9.92 -13.41 -14.04
C GLU A 232 8.60 -12.70 -13.80
N CYS A 233 8.52 -11.89 -12.75
CA CYS A 233 7.29 -11.19 -12.43
C CYS A 233 6.95 -10.18 -13.51
N LEU A 234 7.97 -9.53 -14.08
CA LEU A 234 7.71 -8.57 -15.14
C LEU A 234 7.12 -9.26 -16.37
N LYS A 235 7.68 -10.42 -16.73
CA LYS A 235 7.09 -11.19 -17.82
C LYS A 235 5.65 -11.58 -17.53
N LYS A 236 5.37 -12.00 -16.29
CA LYS A 236 3.99 -12.37 -15.94
C LYS A 236 3.06 -11.17 -16.04
N SER A 237 3.52 -10.01 -15.59
CA SER A 237 2.70 -8.79 -15.63
C SER A 237 2.34 -8.44 -17.06
N MET A 238 3.33 -8.46 -17.97
CA MET A 238 3.08 -8.14 -19.36
C MET A 238 2.06 -9.10 -19.96
N ALA A 239 2.20 -10.40 -19.66
CA ALA A 239 1.26 -11.39 -20.17
C ALA A 239 -0.14 -11.16 -19.64
N PHE A 240 -0.26 -10.80 -18.36
CA PHE A 240 -1.59 -10.63 -17.78
C PHE A 240 -2.29 -9.43 -18.40
N ASP A 241 -1.59 -8.30 -18.59
CA ASP A 241 -2.25 -7.16 -19.23
C ASP A 241 -2.66 -7.51 -20.65
N GLU A 242 -1.85 -8.30 -21.35
CA GLU A 242 -2.22 -8.75 -22.68
C GLU A 242 -3.44 -9.67 -22.63
N ASP A 243 -3.46 -10.59 -21.68
CA ASP A 243 -4.48 -11.64 -21.69
C ASP A 243 -5.83 -11.16 -21.15
N TYR A 244 -5.82 -10.40 -20.04
CA TYR A 244 -7.07 -9.93 -19.46
C TYR A 244 -7.58 -8.68 -20.17
N PHE A 245 -6.69 -7.71 -20.39
CA PHE A 245 -7.11 -6.40 -20.88
C PHE A 245 -6.80 -6.16 -22.35
N GLY A 246 -6.04 -7.04 -22.99
CA GLY A 246 -5.69 -6.82 -24.38
C GLY A 246 -4.68 -5.72 -24.59
N LEU A 247 -3.90 -5.38 -23.58
CA LEU A 247 -3.00 -4.23 -23.62
C LEU A 247 -1.56 -4.72 -23.76
N GLU A 248 -0.84 -4.17 -24.74
CA GLU A 248 0.57 -4.46 -24.98
C GLU A 248 1.45 -3.26 -24.66
N TYR A 249 2.67 -3.56 -24.23
CA TYR A 249 3.71 -2.55 -24.09
C TYR A 249 4.10 -2.04 -25.48
N ASP A 250 4.28 -0.72 -25.60
CA ASP A 250 4.53 -0.11 -26.89
C ASP A 250 5.93 0.48 -27.03
N LEU A 251 6.79 0.32 -26.04
CA LEU A 251 8.14 0.85 -26.09
C LEU A 251 9.15 -0.27 -26.33
N SER A 252 10.35 0.12 -26.77
CA SER A 252 11.38 -0.85 -27.13
C SER A 252 12.00 -1.54 -25.92
N ARG A 253 11.93 -0.91 -24.75
CA ARG A 253 12.73 -1.35 -23.63
C ARG A 253 12.02 -0.93 -22.35
N LEU A 254 12.13 -1.77 -21.32
CA LEU A 254 11.65 -1.44 -19.99
C LEU A 254 12.75 -1.79 -19.00
N ASN A 255 13.14 -0.82 -18.17
CA ASN A 255 14.18 -1.01 -17.16
C ASN A 255 13.57 -0.96 -15.77
N LEU A 256 13.98 -1.90 -14.91
CA LEU A 256 13.64 -1.86 -13.49
C LEU A 256 14.93 -1.71 -12.70
N VAL A 257 14.98 -0.78 -11.74
CA VAL A 257 16.20 -0.51 -11.00
C VAL A 257 15.92 -0.56 -9.50
N ALA A 258 16.71 -1.33 -8.76
CA ALA A 258 16.60 -1.36 -7.29
C ALA A 258 17.56 -0.36 -6.65
N VAL A 259 17.06 0.41 -5.69
CA VAL A 259 17.94 1.26 -4.89
C VAL A 259 17.65 1.03 -3.41
N SER A 260 18.66 1.26 -2.57
CA SER A 260 18.56 0.93 -1.14
C SER A 260 17.75 1.95 -0.35
N ASP A 261 17.75 3.21 -0.79
CA ASP A 261 17.12 4.31 -0.05
C ASP A 261 15.92 4.81 -0.85
N PHE A 262 14.71 4.51 -0.38
CA PHE A 262 13.50 4.88 -1.12
C PHE A 262 12.38 5.14 -0.13
N ASN A 263 11.61 6.20 -0.37
CA ASN A 263 10.58 6.59 0.59
C ASN A 263 9.41 5.63 0.62
N VAL A 264 9.09 4.97 -0.50
CA VAL A 264 7.93 4.08 -0.57
C VAL A 264 8.35 2.75 -1.20
N GLY A 265 7.43 2.08 -1.89
CA GLY A 265 7.73 0.80 -2.52
C GLY A 265 8.39 0.89 -3.88
N ALA A 266 7.80 1.63 -4.82
CA ALA A 266 8.36 1.75 -6.17
C ALA A 266 7.64 2.86 -6.91
N MET A 267 8.18 3.20 -8.09
CA MET A 267 7.72 4.35 -8.87
C MET A 267 7.69 4.02 -10.36
N GLU A 268 6.63 4.44 -11.04
CA GLU A 268 6.37 3.97 -12.41
C GLU A 268 6.98 4.86 -13.49
N ASN A 269 8.15 5.45 -13.27
CA ASN A 269 8.70 6.32 -14.31
C ASN A 269 8.76 5.61 -15.65
N LYS A 270 8.38 6.32 -16.70
CA LYS A 270 8.11 5.72 -18.00
C LYS A 270 9.35 5.03 -18.54
N GLY A 271 9.27 3.70 -18.69
CA GLY A 271 10.37 2.89 -19.18
C GLY A 271 11.52 2.72 -18.21
N LEU A 272 11.40 3.23 -16.99
CA LEU A 272 12.52 3.29 -16.04
C LEU A 272 11.92 3.26 -14.64
N ASN A 273 11.33 2.12 -14.30
CA ASN A 273 10.68 1.95 -13.01
C ASN A 273 11.74 1.78 -11.93
N ILE A 274 11.60 2.51 -10.82
CA ILE A 274 12.61 2.52 -9.78
C ILE A 274 11.98 1.99 -8.51
N PHE A 275 12.71 1.09 -7.83
CA PHE A 275 12.16 0.29 -6.73
C PHE A 275 12.98 0.46 -5.47
N ASN A 276 12.29 0.55 -4.34
CA ASN A 276 12.88 0.11 -3.09
C ASN A 276 13.43 -1.29 -3.28
N ALA A 277 14.71 -1.49 -2.94
CA ALA A 277 15.28 -2.83 -3.09
C ALA A 277 14.46 -3.90 -2.38
N ASN A 278 13.79 -3.54 -1.26
CA ASN A 278 13.02 -4.58 -0.59
C ASN A 278 11.79 -5.00 -1.38
N SER A 279 11.45 -4.30 -2.47
CA SER A 279 10.31 -4.67 -3.28
C SER A 279 10.72 -5.12 -4.68
N LEU A 280 12.01 -5.37 -4.90
CA LEU A 280 12.49 -5.90 -6.17
C LEU A 280 13.41 -7.11 -6.01
N LEU A 281 14.20 -7.18 -4.93
CA LEU A 281 15.26 -8.18 -4.78
C LEU A 281 14.87 -9.28 -3.80
N ALA A 282 15.14 -10.53 -4.19
CA ALA A 282 14.93 -11.65 -3.28
C ALA A 282 15.79 -12.82 -3.72
N SER A 283 16.10 -13.68 -2.75
CA SER A 283 16.58 -15.02 -3.03
C SER A 283 16.09 -15.92 -1.91
N LYS A 284 16.06 -17.22 -2.18
CA LYS A 284 15.44 -18.11 -1.21
C LYS A 284 16.29 -18.24 0.04
N LYS A 285 17.60 -18.03 -0.07
CA LYS A 285 18.46 -18.11 1.10
C LYS A 285 18.45 -16.82 1.92
N ASN A 286 18.15 -15.68 1.29
CA ASN A 286 18.32 -14.40 1.97
C ASN A 286 17.04 -13.58 2.04
N SER A 287 15.87 -14.20 1.83
CA SER A 287 14.61 -13.46 1.88
C SER A 287 13.55 -14.28 2.59
N ILE A 288 12.66 -13.60 3.32
CA ILE A 288 11.49 -14.28 3.84
C ILE A 288 10.46 -14.45 2.74
N ASP A 289 9.52 -15.39 2.98
CA ASP A 289 8.53 -15.74 1.95
C ASP A 289 7.76 -14.51 1.48
N PHE A 290 7.43 -13.60 2.41
CA PHE A 290 6.64 -12.42 2.07
CA PHE A 290 6.64 -12.42 2.07
C PHE A 290 7.21 -11.67 0.88
N SER A 291 8.54 -11.70 0.71
CA SER A 291 9.18 -10.95 -0.38
C SER A 291 8.67 -11.39 -1.75
N TYR A 292 8.31 -12.67 -1.90
CA TYR A 292 7.95 -13.16 -3.22
C TYR A 292 6.61 -12.58 -3.67
N ALA A 293 5.60 -12.59 -2.78
CA ALA A 293 4.36 -11.92 -3.13
C ALA A 293 4.55 -10.42 -3.25
N ARG A 294 5.43 -9.84 -2.43
CA ARG A 294 5.65 -8.40 -2.47
C ARG A 294 6.19 -7.96 -3.83
N ILE A 295 7.23 -8.65 -4.31
CA ILE A 295 7.85 -8.31 -5.59
C ILE A 295 6.85 -8.52 -6.74
N LEU A 296 6.10 -9.61 -6.67
CA LEU A 296 5.08 -9.84 -7.70
C LEU A 296 4.09 -8.69 -7.76
N THR A 297 3.59 -8.25 -6.61
CA THR A 297 2.59 -7.19 -6.61
CA THR A 297 2.60 -7.17 -6.52
C THR A 297 3.20 -5.84 -7.00
N VAL A 298 4.41 -5.53 -6.56
CA VAL A 298 4.97 -4.22 -6.85
C VAL A 298 5.47 -4.11 -8.29
N VAL A 299 6.12 -5.16 -8.81
CA VAL A 299 6.48 -5.16 -10.23
C VAL A 299 5.21 -5.05 -11.08
N GLY A 300 4.19 -5.83 -10.73
CA GLY A 300 2.94 -5.75 -11.47
C GLY A 300 2.32 -4.38 -11.40
N HIS A 301 2.23 -3.83 -10.19
CA HIS A 301 1.68 -2.48 -9.98
C HIS A 301 2.36 -1.47 -10.90
N GLU A 302 3.70 -1.40 -10.88
CA GLU A 302 4.35 -0.39 -11.69
C GLU A 302 4.15 -0.66 -13.18
N TYR A 303 4.16 -1.94 -13.58
CA TYR A 303 3.92 -2.24 -14.99
C TYR A 303 2.52 -1.81 -15.41
N PHE A 304 1.50 -2.09 -14.59
CA PHE A 304 0.13 -1.73 -14.97
C PHE A 304 -0.06 -0.22 -15.05
N HIS A 305 0.78 0.57 -14.38
CA HIS A 305 0.71 2.02 -14.54
C HIS A 305 1.01 2.47 -15.96
N GLN A 306 1.68 1.64 -16.78
CA GLN A 306 2.05 2.15 -18.10
C GLN A 306 0.82 2.56 -18.88
N TYR A 307 -0.30 1.84 -18.70
CA TYR A 307 -1.56 2.34 -19.23
C TYR A 307 -2.30 3.22 -18.22
N THR A 308 -2.52 2.74 -17.00
CA THR A 308 -3.35 3.49 -16.04
C THR A 308 -2.44 4.37 -15.18
N GLY A 309 -2.04 5.50 -15.76
CA GLY A 309 -1.20 6.49 -15.09
C GLY A 309 -0.26 7.15 -16.08
N ASN A 310 0.34 6.36 -16.98
CA ASN A 310 1.36 6.90 -17.87
C ASN A 310 0.77 7.27 -19.23
N ARG A 311 0.19 6.30 -19.92
CA ARG A 311 -0.45 6.59 -21.20
C ARG A 311 -1.74 7.39 -21.00
N VAL A 312 -2.54 7.01 -20.01
CA VAL A 312 -3.64 7.84 -19.54
C VAL A 312 -3.19 8.42 -18.21
N THR A 313 -2.98 9.74 -18.15
CA THR A 313 -2.42 10.34 -16.95
C THR A 313 -3.45 11.23 -16.27
N LEU A 314 -3.01 12.04 -15.31
CA LEU A 314 -3.89 12.81 -14.46
C LEU A 314 -3.96 14.27 -14.88
N ARG A 315 -5.17 14.84 -14.86
CA ARG A 315 -5.32 16.26 -15.08
C ARG A 315 -4.68 17.07 -13.95
N ASP A 316 -4.80 16.58 -12.72
CA ASP A 316 -4.34 17.26 -11.51
C ASP A 316 -4.23 16.21 -10.42
N TRP A 317 -3.63 16.60 -9.28
CA TRP A 317 -3.33 15.61 -8.24
C TRP A 317 -4.57 15.17 -7.48
N PHE A 318 -5.66 15.92 -7.53
CA PHE A 318 -6.88 15.44 -6.88
C PHE A 318 -7.40 14.17 -7.55
N GLN A 319 -7.02 13.88 -8.80
CA GLN A 319 -7.40 12.66 -9.50
C GLN A 319 -6.51 11.46 -9.14
N LEU A 320 -5.67 11.56 -8.11
CA LEU A 320 -4.68 10.52 -7.84
C LEU A 320 -5.28 9.11 -7.81
N THR A 321 -6.46 8.95 -7.20
CA THR A 321 -7.03 7.61 -7.11
C THR A 321 -7.39 7.04 -8.48
N LEU A 322 -7.60 7.91 -9.48
CA LEU A 322 -7.86 7.42 -10.84
C LEU A 322 -6.71 6.57 -11.35
N LYS A 323 -5.47 6.92 -11.01
CA LYS A 323 -4.37 6.04 -11.38
C LYS A 323 -3.98 5.06 -10.28
N GLU A 324 -4.07 5.45 -9.00
CA GLU A 324 -3.60 4.54 -7.97
C GLU A 324 -4.66 3.51 -7.58
N GLY A 325 -5.90 3.94 -7.33
CA GLY A 325 -6.95 2.96 -7.06
C GLY A 325 -7.13 1.98 -8.20
N LEU A 326 -7.07 2.48 -9.44
CA LEU A 326 -7.27 1.61 -10.59
C LEU A 326 -6.08 0.67 -10.78
N THR A 327 -4.85 1.16 -10.53
CA THR A 327 -3.69 0.29 -10.68
C THR A 327 -3.61 -0.75 -9.55
N VAL A 328 -3.98 -0.39 -8.32
CA VAL A 328 -4.06 -1.40 -7.26
C VAL A 328 -5.09 -2.48 -7.62
N HIS A 329 -6.22 -2.07 -8.18
CA HIS A 329 -7.23 -3.04 -8.61
C HIS A 329 -6.66 -3.96 -9.68
N ARG A 330 -5.96 -3.38 -10.67
CA ARG A 330 -5.33 -4.19 -11.70
C ARG A 330 -4.28 -5.12 -11.10
N GLU A 331 -3.47 -4.61 -10.17
CA GLU A 331 -2.49 -5.40 -9.45
CA GLU A 331 -2.49 -5.44 -9.50
C GLU A 331 -3.15 -6.55 -8.70
N ASN A 332 -4.30 -6.27 -8.06
CA ASN A 332 -4.98 -7.32 -7.29
C ASN A 332 -5.56 -8.40 -8.20
N LEU A 333 -6.17 -8.03 -9.33
CA LEU A 333 -6.61 -9.05 -10.28
C LEU A 333 -5.45 -9.93 -10.70
N PHE A 334 -4.30 -9.30 -10.95
CA PHE A 334 -3.13 -10.03 -11.41
C PHE A 334 -2.63 -10.98 -10.33
N SER A 335 -2.47 -10.47 -9.11
CA SER A 335 -1.95 -11.33 -8.04
CA SER A 335 -1.96 -11.31 -8.02
C SER A 335 -2.90 -12.47 -7.72
N GLU A 336 -4.21 -12.22 -7.74
CA GLU A 336 -5.15 -13.32 -7.51
C GLU A 336 -5.01 -14.41 -8.58
N GLU A 337 -4.83 -14.01 -9.84
CA GLU A 337 -4.65 -15.00 -10.90
C GLU A 337 -3.31 -15.72 -10.79
N MET A 338 -2.26 -15.04 -10.34
CA MET A 338 -0.94 -15.66 -10.31
C MET A 338 -0.79 -16.61 -9.13
N THR A 339 -1.33 -16.23 -7.97
CA THR A 339 -1.12 -17.05 -6.78
C THR A 339 -2.10 -18.21 -6.71
N LYS A 340 -3.30 -18.03 -7.25
CA LYS A 340 -4.36 -19.05 -7.20
C LYS A 340 -4.64 -19.50 -5.76
N THR A 341 -4.55 -18.57 -4.82
CA THR A 341 -4.81 -18.83 -3.40
CA THR A 341 -4.84 -18.86 -3.42
C THR A 341 -5.86 -17.86 -2.91
N VAL A 342 -6.84 -18.35 -2.13
CA VAL A 342 -7.87 -17.45 -1.63
C VAL A 342 -7.30 -16.43 -0.65
N THR A 343 -6.14 -16.69 -0.04
CA THR A 343 -5.61 -15.75 0.94
C THR A 343 -5.13 -14.45 0.30
N THR A 344 -4.93 -14.43 -1.01
CA THR A 344 -4.55 -13.18 -1.66
C THR A 344 -5.65 -12.13 -1.52
N ARG A 345 -6.88 -12.47 -1.90
CA ARG A 345 -8.00 -11.55 -1.69
C ARG A 345 -8.22 -11.28 -0.21
N LEU A 346 -8.17 -12.34 0.62
CA LEU A 346 -8.39 -12.15 2.05
C LEU A 346 -7.36 -11.20 2.65
N SER A 347 -6.11 -11.25 2.18
CA SER A 347 -5.09 -10.36 2.74
C SER A 347 -5.38 -8.90 2.41
N HIS A 348 -5.92 -8.62 1.21
CA HIS A 348 -6.26 -7.24 0.87
CA HIS A 348 -6.29 -7.26 0.84
C HIS A 348 -7.43 -6.76 1.72
N VAL A 349 -8.44 -7.59 1.93
CA VAL A 349 -9.55 -7.21 2.78
C VAL A 349 -9.05 -6.95 4.20
N ASP A 350 -8.19 -7.83 4.70
CA ASP A 350 -7.66 -7.72 6.05
C ASP A 350 -6.96 -6.38 6.25
N LEU A 351 -6.17 -5.97 5.25
CA LEU A 351 -5.51 -4.67 5.34
C LEU A 351 -6.54 -3.56 5.32
N LEU A 352 -7.49 -3.60 4.38
CA LEU A 352 -8.46 -2.52 4.28
C LEU A 352 -9.22 -2.34 5.57
N ARG A 353 -9.78 -3.42 6.12
CA ARG A 353 -10.65 -3.29 7.28
C ARG A 353 -9.91 -2.98 8.57
N SER A 354 -8.59 -3.14 8.61
CA SER A 354 -7.83 -2.68 9.77
C SER A 354 -7.33 -1.26 9.49
N VAL A 355 -6.35 -1.13 8.60
CA VAL A 355 -5.64 0.14 8.44
C VAL A 355 -6.54 1.19 7.80
N GLN A 356 -7.26 0.85 6.72
CA GLN A 356 -8.00 1.91 6.06
C GLN A 356 -9.26 2.29 6.84
N PHE A 357 -9.94 1.31 7.45
CA PHE A 357 -11.12 1.66 8.25
C PHE A 357 -10.74 2.54 9.43
N LEU A 358 -9.57 2.26 10.05
CA LEU A 358 -9.07 3.14 11.11
C LEU A 358 -8.88 4.57 10.59
N GLU A 359 -8.20 4.70 9.45
CA GLU A 359 -8.03 6.03 8.86
C GLU A 359 -9.37 6.72 8.62
N ASP A 360 -10.36 5.98 8.11
CA ASP A 360 -11.63 6.59 7.75
C ASP A 360 -12.50 6.94 8.96
N SER A 361 -12.19 6.44 10.16
CA SER A 361 -12.90 6.88 11.34
C SER A 361 -12.04 7.78 12.22
N SER A 362 -10.88 8.20 11.72
CA SER A 362 -9.95 9.06 12.42
C SER A 362 -10.17 10.51 12.01
N PRO A 363 -9.53 11.46 12.70
CA PRO A 363 -9.61 12.86 12.26
C PRO A 363 -9.03 13.08 10.88
N LEU A 364 -8.29 12.12 10.34
CA LEU A 364 -7.70 12.23 9.03
C LEU A 364 -8.64 11.79 7.90
N SER A 365 -9.84 11.30 8.23
CA SER A 365 -10.74 10.74 7.22
C SER A 365 -10.93 11.68 6.04
N HIS A 366 -10.84 11.12 4.83
CA HIS A 366 -11.03 11.86 3.59
C HIS A 366 -11.67 10.93 2.58
N PRO A 367 -12.34 11.47 1.55
CA PRO A 367 -12.80 10.63 0.45
C PRO A 367 -11.64 10.26 -0.45
N ILE A 368 -11.86 9.30 -1.35
CA ILE A 368 -10.76 8.86 -2.21
C ILE A 368 -10.35 9.94 -3.18
N ARG A 369 -11.20 10.95 -3.41
CA ARG A 369 -10.83 12.16 -4.14
C ARG A 369 -11.00 13.35 -3.20
N PRO A 370 -9.97 13.72 -2.45
CA PRO A 370 -10.10 14.83 -1.49
C PRO A 370 -10.43 16.15 -2.16
N GLU A 371 -10.94 17.07 -1.36
CA GLU A 371 -11.28 18.41 -1.81
C GLU A 371 -10.13 19.40 -1.67
N SER A 372 -9.10 19.07 -0.91
CA SER A 372 -8.02 20.00 -0.66
C SER A 372 -6.77 19.24 -0.24
N TYR A 373 -5.63 19.90 -0.34
CA TYR A 373 -4.42 19.38 0.28
C TYR A 373 -3.46 20.52 0.55
N VAL A 374 -2.58 20.31 1.52
CA VAL A 374 -1.41 21.14 1.73
C VAL A 374 -0.13 20.44 1.31
N SER A 375 0.00 19.16 1.65
CA SER A 375 1.22 18.40 1.34
C SER A 375 0.85 17.25 0.40
N MET A 376 1.42 17.26 -0.82
CA MET A 376 1.27 16.07 -1.66
C MET A 376 2.03 14.88 -1.08
N GLU A 377 3.12 15.12 -0.37
CA GLU A 377 3.89 14.00 0.17
C GLU A 377 3.11 13.22 1.21
N ASN A 378 2.03 13.80 1.78
CA ASN A 378 1.18 13.10 2.74
C ASN A 378 -0.12 12.58 2.11
N PHE A 379 -0.31 12.77 0.80
CA PHE A 379 -1.55 12.49 0.09
C PHE A 379 -1.69 11.03 -0.32
N TYR A 380 -0.63 10.24 -0.23
CA TYR A 380 -0.57 8.89 -0.80
C TYR A 380 -1.03 7.90 0.27
N THR A 381 -2.33 7.87 0.49
CA THR A 381 -2.92 7.22 1.67
C THR A 381 -3.56 5.87 1.33
N THR A 382 -3.75 5.07 2.38
CA THR A 382 -4.49 3.83 2.19
C THR A 382 -5.92 4.10 1.72
N THR A 383 -6.50 5.26 2.07
CA THR A 383 -7.81 5.58 1.52
C THR A 383 -7.73 5.71 0.00
N VAL A 384 -6.80 6.53 -0.49
CA VAL A 384 -6.68 6.76 -1.92
C VAL A 384 -6.35 5.46 -2.66
N TYR A 385 -5.47 4.65 -2.09
CA TYR A 385 -4.98 3.42 -2.72
C TYR A 385 -5.96 2.26 -2.56
N ASP A 386 -6.29 1.92 -1.32
CA ASP A 386 -6.95 0.65 -1.03
C ASP A 386 -8.46 0.79 -1.02
N LYS A 387 -9.02 1.85 -0.43
CA LYS A 387 -10.42 2.10 -0.69
C LYS A 387 -10.64 2.47 -2.15
N GLY A 388 -9.72 3.23 -2.74
CA GLY A 388 -9.82 3.48 -4.18
C GLY A 388 -9.87 2.20 -5.00
N SER A 389 -9.05 1.21 -4.63
CA SER A 389 -9.06 -0.05 -5.37
CA SER A 389 -9.05 -0.06 -5.36
C SER A 389 -10.39 -0.78 -5.22
N GLU A 390 -11.00 -0.72 -4.04
CA GLU A 390 -12.28 -1.38 -3.85
C GLU A 390 -13.39 -0.68 -4.63
N VAL A 391 -13.30 0.66 -4.73
CA VAL A 391 -14.27 1.38 -5.54
C VAL A 391 -14.07 1.01 -7.01
N MET A 392 -12.81 0.86 -7.45
CA MET A 392 -12.60 0.43 -8.83
C MET A 392 -13.05 -1.01 -9.06
N ARG A 393 -12.89 -1.87 -8.04
CA ARG A 393 -13.31 -3.26 -8.16
C ARG A 393 -14.83 -3.40 -8.18
N MET A 394 -15.56 -2.53 -7.48
CA MET A 394 -17.02 -2.62 -7.50
C MET A 394 -17.59 -2.46 -8.90
N TYR A 395 -16.94 -1.68 -9.78
CA TYR A 395 -17.40 -1.62 -11.16
C TYR A 395 -17.41 -3.00 -11.80
N LEU A 396 -16.36 -3.79 -11.54
CA LEU A 396 -16.29 -5.14 -12.08
C LEU A 396 -17.39 -6.02 -11.49
N THR A 397 -17.64 -5.90 -10.19
CA THR A 397 -18.72 -6.65 -9.56
C THR A 397 -20.08 -6.29 -10.16
N ILE A 398 -20.31 -5.00 -10.39
CA ILE A 398 -21.60 -4.53 -10.89
C ILE A 398 -21.80 -4.97 -12.34
N LEU A 399 -20.76 -4.81 -13.17
CA LEU A 399 -20.89 -5.05 -14.60
C LEU A 399 -20.68 -6.50 -15.00
N GLY A 400 -19.95 -7.27 -14.22
CA GLY A 400 -19.47 -8.55 -14.67
C GLY A 400 -18.29 -8.40 -15.61
N GLU A 401 -17.55 -9.49 -15.77
CA GLU A 401 -16.27 -9.45 -16.47
C GLU A 401 -16.42 -8.96 -17.90
N GLU A 402 -17.40 -9.49 -18.64
CA GLU A 402 -17.49 -9.16 -20.06
C GLU A 402 -17.75 -7.67 -20.26
N TYR A 403 -18.72 -7.10 -19.54
CA TYR A 403 -19.04 -5.69 -19.70
C TYR A 403 -18.02 -4.80 -19.00
N TYR A 404 -17.39 -5.27 -17.92
CA TYR A 404 -16.30 -4.50 -17.33
C TYR A 404 -15.16 -4.34 -18.33
N LYS A 405 -14.78 -5.43 -19.00
CA LYS A 405 -13.72 -5.32 -20.01
C LYS A 405 -14.13 -4.38 -21.13
N LYS A 406 -15.41 -4.41 -21.52
CA LYS A 406 -15.88 -3.48 -22.55
C LYS A 406 -15.75 -2.04 -22.08
N GLY A 407 -16.15 -1.75 -20.84
CA GLY A 407 -16.04 -0.40 -20.33
C GLY A 407 -14.60 0.05 -20.14
N PHE A 408 -13.73 -0.86 -19.71
CA PHE A 408 -12.33 -0.51 -19.53
C PHE A 408 -11.70 -0.14 -20.87
N ASP A 409 -12.01 -0.91 -21.93
CA ASP A 409 -11.45 -0.57 -23.23
CA ASP A 409 -11.52 -0.60 -23.27
C ASP A 409 -11.94 0.79 -23.70
N ILE A 410 -13.21 1.13 -23.41
CA ILE A 410 -13.72 2.45 -23.77
C ILE A 410 -12.90 3.53 -23.08
N TYR A 411 -12.59 3.33 -21.80
CA TYR A 411 -11.77 4.30 -21.07
C TYR A 411 -10.39 4.45 -21.70
N ILE A 412 -9.75 3.33 -22.04
CA ILE A 412 -8.41 3.40 -22.60
C ILE A 412 -8.44 4.07 -23.97
N LYS A 413 -9.37 3.67 -24.83
CA LYS A 413 -9.38 4.21 -26.19
C LYS A 413 -9.72 5.70 -26.20
N LYS A 414 -10.66 6.12 -25.35
CA LYS A 414 -11.05 7.53 -25.35
C LYS A 414 -9.94 8.43 -24.81
N ASN A 415 -9.15 7.93 -23.87
CA ASN A 415 -8.24 8.80 -23.11
C ASN A 415 -6.77 8.49 -23.33
N ASP A 416 -6.43 7.50 -24.13
CA ASP A 416 -5.03 7.18 -24.40
C ASP A 416 -4.29 8.40 -24.91
N GLY A 417 -3.15 8.70 -24.27
CA GLY A 417 -2.33 9.82 -24.66
C GLY A 417 -2.71 11.17 -24.06
N ASN A 418 -3.69 11.21 -23.16
CA ASN A 418 -4.10 12.49 -22.59
CA ASN A 418 -4.23 12.44 -22.60
C ASN A 418 -4.24 12.37 -21.07
N THR A 419 -4.48 13.51 -20.44
CA THR A 419 -4.85 13.59 -19.03
C THR A 419 -6.31 13.18 -18.87
N ALA A 420 -6.67 12.77 -17.66
CA ALA A 420 -8.04 12.34 -17.41
C ALA A 420 -8.43 12.64 -15.96
N THR A 421 -9.73 12.53 -15.70
CA THR A 421 -10.31 12.76 -14.38
C THR A 421 -11.12 11.54 -13.98
N CYS A 422 -11.48 11.48 -12.70
CA CYS A 422 -12.34 10.38 -12.23
C CYS A 422 -13.65 10.32 -13.01
N GLU A 423 -14.21 11.47 -13.41
CA GLU A 423 -15.43 11.46 -14.20
C GLU A 423 -15.25 10.73 -15.53
N ASP A 424 -14.06 10.81 -16.13
CA ASP A 424 -13.81 10.10 -17.37
C ASP A 424 -13.96 8.59 -17.18
N PHE A 425 -13.44 8.07 -16.08
CA PHE A 425 -13.59 6.63 -15.85
C PHE A 425 -15.03 6.25 -15.58
N ASN A 426 -15.72 7.03 -14.74
CA ASN A 426 -17.13 6.73 -14.47
C ASN A 426 -17.96 6.77 -15.74
N TYR A 427 -17.65 7.71 -16.64
CA TYR A 427 -18.37 7.81 -17.90
C TYR A 427 -18.18 6.55 -18.73
N ALA A 428 -16.95 6.03 -18.80
CA ALA A 428 -16.71 4.80 -19.56
C ALA A 428 -17.46 3.62 -18.94
N MET A 429 -17.44 3.51 -17.61
CA MET A 429 -18.19 2.45 -16.94
C MET A 429 -19.68 2.61 -17.17
N GLU A 430 -20.16 3.86 -17.21
CA GLU A 430 -21.58 4.09 -17.43
C GLU A 430 -22.00 3.61 -18.82
N GLN A 431 -21.16 3.81 -19.83
CA GLN A 431 -21.50 3.32 -21.16
C GLN A 431 -21.70 1.81 -21.14
N ALA A 432 -20.80 1.09 -20.46
CA ALA A 432 -20.97 -0.35 -20.33
C ALA A 432 -22.21 -0.70 -19.51
N TYR A 433 -22.52 0.12 -18.50
CA TYR A 433 -23.71 -0.12 -17.69
C TYR A 433 -24.97 -0.05 -18.53
N LYS A 434 -25.08 0.99 -19.37
CA LYS A 434 -26.22 1.10 -20.27
C LYS A 434 -26.32 -0.13 -21.16
N MET A 435 -25.18 -0.64 -21.63
CA MET A 435 -25.19 -1.83 -22.48
C MET A 435 -25.66 -3.05 -21.71
N LYS A 436 -25.12 -3.25 -20.50
CA LYS A 436 -25.52 -4.40 -19.69
CA LYS A 436 -25.52 -4.40 -19.69
C LYS A 436 -27.00 -4.34 -19.34
N LYS A 437 -27.51 -3.15 -19.01
CA LYS A 437 -28.92 -3.02 -18.64
C LYS A 437 -29.85 -2.92 -19.85
N ALA A 438 -29.31 -2.86 -21.07
CA ALA A 438 -30.09 -2.63 -22.27
C ALA A 438 -31.06 -1.47 -22.05
N ASP A 439 -30.51 -0.37 -21.53
CA ASP A 439 -31.33 0.78 -21.14
C ASP A 439 -30.43 2.02 -21.21
N ASN A 440 -30.60 2.79 -22.28
CA ASN A 440 -29.77 3.98 -22.46
C ASN A 440 -30.13 5.09 -21.49
N SER A 441 -31.16 4.92 -20.67
CA SER A 441 -31.47 5.85 -19.60
C SER A 441 -30.79 5.49 -18.29
N ALA A 442 -30.19 4.31 -18.20
CA ALA A 442 -29.44 3.95 -17.00
C ALA A 442 -28.21 4.84 -16.87
N ASN A 443 -27.86 5.17 -15.62
CA ASN A 443 -26.69 5.99 -15.39
C ASN A 443 -26.02 5.59 -14.08
N LEU A 444 -24.81 6.08 -13.90
CA LEU A 444 -24.02 5.87 -12.70
C LEU A 444 -23.74 7.20 -11.99
N ASN A 445 -24.67 8.15 -12.09
CA ASN A 445 -24.48 9.43 -11.40
C ASN A 445 -24.30 9.21 -9.90
N GLN A 446 -25.11 8.32 -9.32
CA GLN A 446 -25.00 8.04 -7.89
C GLN A 446 -23.65 7.46 -7.55
N TYR A 447 -23.05 6.74 -8.49
CA TYR A 447 -21.79 6.07 -8.19
C TYR A 447 -20.70 7.07 -7.84
N LEU A 448 -20.80 8.30 -8.38
CA LEU A 448 -19.78 9.32 -8.12
C LEU A 448 -19.64 9.65 -6.65
N LEU A 449 -20.67 9.40 -5.84
CA LEU A 449 -20.55 9.62 -4.40
C LEU A 449 -19.43 8.79 -3.77
N TRP A 450 -19.07 7.65 -4.36
CA TRP A 450 -17.94 6.90 -3.83
C TRP A 450 -16.65 7.69 -3.90
N PHE A 451 -16.58 8.68 -4.80
CA PHE A 451 -15.37 9.47 -4.93
C PHE A 451 -15.35 10.65 -3.98
N SER A 452 -16.52 11.16 -3.59
CA SER A 452 -16.62 12.40 -2.84
C SER A 452 -16.97 12.21 -1.37
N GLN A 453 -17.63 11.11 -1.01
CA GLN A 453 -18.11 10.94 0.35
C GLN A 453 -17.09 10.15 1.18
N SER A 454 -16.69 10.71 2.31
CA SER A 454 -15.77 10.04 3.22
C SER A 454 -16.51 9.16 4.22
N GLY A 455 -15.76 8.33 4.93
CA GLY A 455 -16.32 7.45 5.93
C GLY A 455 -16.70 6.08 5.37
N THR A 456 -16.81 5.11 6.27
CA THR A 456 -17.14 3.74 5.92
C THR A 456 -18.65 3.53 6.09
N PRO A 457 -19.39 3.13 5.06
CA PRO A 457 -20.80 2.79 5.28
C PRO A 457 -20.93 1.58 6.18
N HIS A 458 -22.02 1.58 6.96
CA HIS A 458 -22.46 0.42 7.72
C HIS A 458 -23.68 -0.18 7.04
N VAL A 459 -23.64 -1.49 6.79
CA VAL A 459 -24.75 -2.18 6.14
C VAL A 459 -25.26 -3.27 7.08
N SER A 460 -26.55 -3.22 7.40
CA SER A 460 -27.13 -4.17 8.34
C SER A 460 -28.34 -4.84 7.72
N PHE A 461 -28.74 -5.97 8.31
CA PHE A 461 -29.72 -6.86 7.69
C PHE A 461 -30.76 -7.34 8.69
N LYS A 462 -31.96 -7.58 8.17
CA LYS A 462 -32.99 -8.34 8.85
C LYS A 462 -33.60 -9.30 7.85
N TYR A 463 -34.08 -10.44 8.34
CA TYR A 463 -34.52 -11.52 7.46
C TYR A 463 -35.91 -11.99 7.82
N ASN A 464 -36.60 -12.53 6.82
CA ASN A 464 -37.90 -13.14 7.06
CA ASN A 464 -37.90 -13.13 7.06
C ASN A 464 -38.10 -14.29 6.09
N TYR A 465 -38.65 -15.38 6.60
CA TYR A 465 -38.94 -16.55 5.79
C TYR A 465 -40.37 -16.99 6.08
N ASP A 466 -41.16 -17.12 5.02
CA ASP A 466 -42.50 -17.69 5.12
C ASP A 466 -42.43 -19.12 4.58
N ALA A 467 -42.54 -20.10 5.47
CA ALA A 467 -42.38 -21.48 5.08
C ALA A 467 -43.49 -21.95 4.15
N GLU A 468 -44.69 -21.40 4.28
CA GLU A 468 -45.80 -21.83 3.44
C GLU A 468 -45.69 -21.23 2.03
N LYS A 469 -45.24 -19.99 1.91
CA LYS A 469 -45.10 -19.38 0.59
C LYS A 469 -43.76 -19.67 -0.07
N LYS A 470 -42.83 -20.33 0.63
CA LYS A 470 -41.47 -20.54 0.13
C LYS A 470 -40.87 -19.21 -0.31
N GLN A 471 -41.02 -18.20 0.55
CA GLN A 471 -40.62 -16.84 0.22
C GLN A 471 -39.65 -16.32 1.28
N TYR A 472 -38.51 -15.83 0.84
CA TYR A 472 -37.45 -15.33 1.70
C TYR A 472 -37.19 -13.88 1.36
N SER A 473 -36.97 -13.05 2.38
CA SER A 473 -36.68 -11.65 2.16
CA SER A 473 -36.67 -11.66 2.13
C SER A 473 -35.46 -11.23 2.96
N ILE A 474 -34.65 -10.37 2.35
CA ILE A 474 -33.47 -9.76 2.97
C ILE A 474 -33.75 -8.27 3.01
N HIS A 475 -33.95 -7.73 4.21
N HIS A 475 -33.93 -7.74 4.22
CA HIS A 475 -34.11 -6.29 4.34
CA HIS A 475 -34.08 -6.31 4.43
C HIS A 475 -32.76 -5.68 4.71
C HIS A 475 -32.71 -5.71 4.71
N VAL A 476 -32.32 -4.70 3.93
CA VAL A 476 -30.98 -4.12 4.03
C VAL A 476 -31.10 -2.64 4.32
N ASN A 477 -30.23 -2.15 5.21
CA ASN A 477 -30.13 -0.74 5.51
C ASN A 477 -28.68 -0.29 5.37
N GLN A 478 -28.45 0.94 4.91
CA GLN A 478 -27.11 1.49 4.88
C GLN A 478 -27.07 2.81 5.62
N TYR A 479 -25.92 3.09 6.25
CA TYR A 479 -25.76 4.29 7.04
C TYR A 479 -24.28 4.66 7.07
N THR A 480 -23.96 5.92 6.77
CA THR A 480 -22.61 6.44 6.99
C THR A 480 -22.67 7.52 8.05
N LYS A 481 -21.77 7.43 9.04
CA LYS A 481 -21.78 8.40 10.13
C LYS A 481 -21.33 9.76 9.61
N PRO A 482 -22.02 10.83 10.00
CA PRO A 482 -21.54 12.18 9.64
C PRO A 482 -20.14 12.41 10.18
N ASP A 483 -19.38 13.25 9.48
CA ASP A 483 -18.01 13.57 9.89
C ASP A 483 -17.71 15.00 9.45
N GLU A 484 -16.43 15.35 9.39
CA GLU A 484 -16.07 16.73 9.08
C GLU A 484 -16.25 17.08 7.61
N ASN A 485 -16.40 16.08 6.73
CA ASN A 485 -16.48 16.31 5.30
C ASN A 485 -17.91 16.42 4.78
N GLN A 486 -18.87 15.71 5.40
CA GLN A 486 -20.28 15.83 5.05
C GLN A 486 -21.12 15.74 6.32
N LYS A 487 -21.92 16.78 6.58
CA LYS A 487 -22.86 16.74 7.68
C LYS A 487 -23.98 15.75 7.43
N GLU A 488 -24.43 15.66 6.19
CA GLU A 488 -25.46 14.71 5.77
C GLU A 488 -24.85 13.77 4.76
N LYS A 489 -24.92 12.47 5.04
CA LYS A 489 -24.33 11.47 4.17
C LYS A 489 -25.43 10.89 3.28
N LYS A 490 -25.15 10.78 2.02
CA LYS A 490 -26.16 10.28 1.10
C LYS A 490 -25.99 8.78 0.91
N PRO A 491 -27.07 8.07 0.56
CA PRO A 491 -26.92 6.63 0.30
C PRO A 491 -26.09 6.39 -0.95
N LEU A 492 -25.28 5.34 -0.91
CA LEU A 492 -24.38 4.96 -1.99
C LEU A 492 -24.99 3.85 -2.83
N PHE A 493 -24.43 3.67 -4.02
CA PHE A 493 -24.70 2.49 -4.86
C PHE A 493 -23.85 1.36 -4.29
N ILE A 494 -24.46 0.46 -3.53
CA ILE A 494 -23.73 -0.61 -2.85
C ILE A 494 -24.10 -1.94 -3.50
N PRO A 495 -23.15 -2.61 -4.18
CA PRO A 495 -23.43 -3.94 -4.73
C PRO A 495 -23.20 -5.04 -3.70
N ILE A 496 -24.20 -5.89 -3.49
CA ILE A 496 -24.14 -6.91 -2.44
C ILE A 496 -24.20 -8.26 -3.13
N SER A 497 -23.03 -8.87 -3.32
CA SER A 497 -23.00 -10.21 -3.87
CA SER A 497 -22.95 -10.22 -3.87
C SER A 497 -23.47 -11.21 -2.82
N VAL A 498 -24.48 -12.02 -3.16
CA VAL A 498 -25.12 -12.87 -2.18
CA VAL A 498 -25.15 -12.86 -2.19
C VAL A 498 -25.30 -14.28 -2.71
N GLY A 499 -25.26 -15.24 -1.77
CA GLY A 499 -25.75 -16.57 -2.00
C GLY A 499 -26.70 -16.95 -0.88
N LEU A 500 -27.43 -18.03 -1.09
CA LEU A 500 -28.34 -18.57 -0.07
C LEU A 500 -27.97 -20.02 0.15
N ILE A 501 -27.54 -20.35 1.36
CA ILE A 501 -27.05 -21.68 1.69
C ILE A 501 -28.18 -22.47 2.33
N ASN A 502 -28.44 -23.66 1.79
CA ASN A 502 -29.37 -24.60 2.40
C ASN A 502 -28.70 -25.18 3.65
N PRO A 503 -29.22 -24.92 4.85
CA PRO A 503 -28.53 -25.40 6.05
C PRO A 503 -28.53 -26.91 6.20
N GLU A 504 -29.39 -27.62 5.50
CA GLU A 504 -29.44 -29.08 5.68
C GLU A 504 -28.34 -29.78 4.89
N ASN A 505 -27.94 -29.24 3.74
CA ASN A 505 -26.94 -29.90 2.91
C ASN A 505 -25.82 -28.99 2.44
N GLY A 506 -25.82 -27.72 2.83
CA GLY A 506 -24.77 -26.78 2.47
C GLY A 506 -24.75 -26.37 1.01
N LYS A 507 -25.80 -26.63 0.26
CA LYS A 507 -25.75 -26.36 -1.18
C LYS A 507 -26.31 -24.96 -1.48
N GLU A 508 -25.94 -24.45 -2.66
CA GLU A 508 -26.43 -23.18 -3.14
C GLU A 508 -27.91 -23.27 -3.50
N MET A 509 -28.67 -22.26 -3.11
CA MET A 509 -30.10 -22.28 -3.40
C MET A 509 -30.51 -21.32 -4.51
N ILE A 510 -29.65 -20.37 -4.89
CA ILE A 510 -29.92 -19.47 -6.01
C ILE A 510 -28.66 -19.34 -6.85
N SER A 511 -28.86 -18.89 -8.09
CA SER A 511 -27.73 -18.56 -8.96
C SER A 511 -27.02 -17.31 -8.46
N GLN A 512 -25.85 -17.04 -9.04
CA GLN A 512 -25.07 -15.85 -8.71
C GLN A 512 -25.94 -14.61 -8.77
N THR A 513 -25.91 -13.81 -7.71
CA THR A 513 -26.82 -12.70 -7.57
C THR A 513 -26.10 -11.54 -6.89
N THR A 514 -26.22 -10.35 -7.47
CA THR A 514 -25.64 -9.14 -6.91
C THR A 514 -26.78 -8.16 -6.69
N LEU A 515 -27.18 -7.99 -5.43
CA LEU A 515 -28.20 -7.01 -5.08
C LEU A 515 -27.65 -5.62 -5.27
N GLU A 516 -28.42 -4.75 -5.93
CA GLU A 516 -27.99 -3.37 -6.15
C GLU A 516 -28.75 -2.50 -5.17
N LEU A 517 -28.13 -2.20 -4.03
CA LEU A 517 -28.75 -1.33 -3.03
C LEU A 517 -28.41 0.12 -3.37
N THR A 518 -29.43 0.90 -3.72
CA THR A 518 -29.20 2.29 -4.09
C THR A 518 -29.92 3.27 -3.17
N LYS A 519 -30.71 2.78 -2.23
CA LYS A 519 -31.48 3.61 -1.32
C LYS A 519 -30.95 3.43 0.10
N GLU A 520 -31.44 4.26 1.02
CA GLU A 520 -31.08 4.07 2.42
C GLU A 520 -31.47 2.68 2.92
N SER A 521 -32.57 2.13 2.39
CA SER A 521 -32.96 0.79 2.76
C SER A 521 -33.75 0.19 1.60
N ASP A 522 -33.72 -1.13 1.52
CA ASP A 522 -34.50 -1.84 0.51
C ASP A 522 -34.78 -3.25 1.02
N THR A 523 -35.81 -3.88 0.48
CA THR A 523 -36.14 -5.26 0.82
C THR A 523 -36.06 -6.09 -0.45
N PHE A 524 -35.22 -7.15 -0.43
CA PHE A 524 -35.02 -8.04 -1.56
C PHE A 524 -35.70 -9.37 -1.27
N VAL A 525 -36.65 -9.75 -2.13
CA VAL A 525 -37.48 -10.93 -1.91
C VAL A 525 -37.14 -12.00 -2.94
N PHE A 526 -37.14 -13.25 -2.48
CA PHE A 526 -36.85 -14.40 -3.32
C PHE A 526 -37.97 -15.42 -3.17
N ASN A 527 -38.52 -15.86 -4.29
CA ASN A 527 -39.57 -16.87 -4.28
C ASN A 527 -38.97 -18.25 -4.51
N ASN A 528 -39.79 -19.27 -4.27
CA ASN A 528 -39.39 -20.66 -4.51
C ASN A 528 -38.13 -20.99 -3.73
N ILE A 529 -38.08 -20.55 -2.49
CA ILE A 529 -37.01 -20.88 -1.56
C ILE A 529 -37.56 -21.97 -0.65
N ALA A 530 -37.07 -23.20 -0.84
CA ALA A 530 -37.80 -24.37 -0.33
C ALA A 530 -37.64 -24.53 1.17
N VAL A 531 -36.56 -24.01 1.76
CA VAL A 531 -36.33 -24.06 3.19
C VAL A 531 -35.70 -22.73 3.58
N LYS A 532 -35.77 -22.42 4.87
CA LYS A 532 -35.14 -21.19 5.35
C LYS A 532 -33.63 -21.26 5.16
N PRO A 533 -33.05 -20.35 4.40
CA PRO A 533 -31.61 -20.40 4.12
C PRO A 533 -30.80 -19.70 5.21
N ILE A 534 -29.49 -19.88 5.14
CA ILE A 534 -28.54 -18.98 5.79
C ILE A 534 -27.95 -18.11 4.69
N PRO A 535 -28.06 -16.79 4.77
CA PRO A 535 -27.57 -15.93 3.70
C PRO A 535 -26.06 -15.80 3.77
N SER A 536 -25.44 -15.80 2.60
CA SER A 536 -24.01 -15.61 2.45
C SER A 536 -23.83 -14.22 1.83
N LEU A 537 -23.46 -13.24 2.66
CA LEU A 537 -23.59 -11.83 2.30
C LEU A 537 -22.25 -11.17 2.00
N PHE A 538 -22.23 -10.36 0.95
CA PHE A 538 -21.04 -9.63 0.50
C PHE A 538 -19.91 -10.58 0.11
N ARG A 539 -20.27 -11.61 -0.66
CA ARG A 539 -19.28 -12.57 -1.14
C ARG A 539 -18.15 -11.85 -1.84
N GLY A 540 -16.92 -12.30 -1.57
CA GLY A 540 -15.74 -11.67 -2.09
C GLY A 540 -15.44 -10.31 -1.49
N PHE A 541 -16.15 -9.94 -0.42
CA PHE A 541 -16.17 -8.56 0.13
C PHE A 541 -16.54 -7.56 -0.96
N SER A 542 -17.81 -7.58 -1.34
CA SER A 542 -18.22 -6.91 -2.57
C SER A 542 -18.41 -5.41 -2.44
N ALA A 543 -18.31 -4.84 -1.24
CA ALA A 543 -18.29 -3.39 -1.07
C ALA A 543 -17.48 -3.04 0.16
N PRO A 544 -16.83 -1.88 0.19
CA PRO A 544 -15.96 -1.55 1.34
C PRO A 544 -16.76 -0.97 2.48
N VAL A 545 -17.38 -1.85 3.27
CA VAL A 545 -18.35 -1.45 4.28
C VAL A 545 -18.14 -2.27 5.56
N TYR A 546 -18.73 -1.75 6.64
CA TYR A 546 -18.93 -2.53 7.85
C TYR A 546 -20.16 -3.41 7.67
N ILE A 547 -19.96 -4.72 7.70
CA ILE A 547 -21.06 -5.67 7.53
C ILE A 547 -21.57 -6.07 8.91
N GLU A 548 -22.89 -5.95 9.10
CA GLU A 548 -23.56 -6.38 10.33
C GLU A 548 -24.53 -7.46 9.89
N ASP A 549 -24.10 -8.73 9.93
CA ASP A 549 -24.87 -9.80 9.31
C ASP A 549 -26.08 -10.25 10.13
N GLN A 550 -26.14 -9.87 11.40
CA GLN A 550 -27.26 -10.21 12.30
C GLN A 550 -27.53 -11.71 12.31
N LEU A 551 -26.49 -12.52 12.14
CA LEU A 551 -26.62 -13.97 12.20
C LEU A 551 -26.25 -14.46 13.59
N THR A 552 -26.82 -15.60 13.96
CA THR A 552 -26.39 -16.24 15.19
C THR A 552 -25.02 -16.88 15.00
N ASP A 553 -24.37 -17.18 16.12
CA ASP A 553 -23.09 -17.86 15.98
C ASP A 553 -23.27 -19.25 15.38
N GLU A 554 -24.40 -19.92 15.67
CA GLU A 554 -24.71 -21.19 15.01
C GLU A 554 -24.74 -21.04 13.49
N GLU A 555 -25.39 -19.97 13.00
CA GLU A 555 -25.45 -19.75 11.56
C GLU A 555 -24.08 -19.42 11.00
N ARG A 556 -23.30 -18.62 11.73
CA ARG A 556 -21.96 -18.27 11.26
C ARG A 556 -21.05 -19.49 11.22
N ILE A 557 -21.19 -20.38 12.20
CA ILE A 557 -20.44 -21.64 12.16
C ILE A 557 -20.80 -22.45 10.94
N LEU A 558 -22.09 -22.51 10.60
CA LEU A 558 -22.49 -23.27 9.42
C LEU A 558 -21.86 -22.69 8.16
N LEU A 559 -21.82 -21.36 8.05
CA LEU A 559 -21.17 -20.74 6.89
C LEU A 559 -19.67 -21.03 6.90
N LEU A 560 -19.04 -20.85 8.06
CA LEU A 560 -17.61 -21.13 8.18
C LEU A 560 -17.27 -22.53 7.69
N LYS A 561 -18.12 -23.52 8.00
CA LYS A 561 -17.81 -24.88 7.59
C LYS A 561 -18.20 -25.13 6.13
N TYR A 562 -19.32 -24.59 5.65
CA TYR A 562 -19.97 -25.12 4.47
C TYR A 562 -20.21 -24.13 3.33
N ASP A 563 -20.04 -22.83 3.55
CA ASP A 563 -20.24 -21.85 2.49
C ASP A 563 -19.20 -22.04 1.40
N SER A 564 -19.52 -21.56 0.21
CA SER A 564 -18.63 -21.65 -0.94
C SER A 564 -17.69 -20.46 -1.07
N ASP A 565 -17.94 -19.35 -0.38
CA ASP A 565 -17.18 -18.13 -0.59
C ASP A 565 -16.16 -17.95 0.52
N ALA A 566 -14.88 -17.85 0.13
CA ALA A 566 -13.81 -17.78 1.11
C ALA A 566 -13.98 -16.57 2.02
N PHE A 567 -14.32 -15.41 1.46
CA PHE A 567 -14.48 -14.24 2.31
C PHE A 567 -15.60 -14.44 3.33
N VAL A 568 -16.77 -14.91 2.90
CA VAL A 568 -17.86 -15.02 3.87
C VAL A 568 -17.51 -16.02 4.95
N ARG A 569 -16.80 -17.10 4.60
CA ARG A 569 -16.34 -18.01 5.64
C ARG A 569 -15.41 -17.31 6.62
N TYR A 570 -14.42 -16.59 6.10
CA TYR A 570 -13.46 -15.85 6.92
C TYR A 570 -14.15 -14.76 7.74
N ASN A 571 -15.14 -14.08 7.13
CA ASN A 571 -15.87 -13.04 7.84
C ASN A 571 -16.78 -13.61 8.90
N SER A 572 -17.35 -14.78 8.66
CA SER A 572 -18.20 -15.38 9.66
C SER A 572 -17.39 -15.74 10.89
N CYS A 573 -16.18 -16.27 10.66
CA CYS A 573 -15.23 -16.52 11.74
C CYS A 573 -14.85 -15.22 12.45
N THR A 574 -14.49 -14.19 11.67
CA THR A 574 -14.20 -12.88 12.23
C THR A 574 -15.31 -12.40 13.15
N ASN A 575 -16.57 -12.51 12.70
CA ASN A 575 -17.69 -12.02 13.47
C ASN A 575 -17.89 -12.80 14.76
N ILE A 576 -17.69 -14.12 14.73
CA ILE A 576 -17.74 -14.92 15.96
C ILE A 576 -16.67 -14.42 16.93
N TYR A 577 -15.45 -14.24 16.45
CA TYR A 577 -14.38 -13.72 17.31
C TYR A 577 -14.74 -12.36 17.88
N MET A 578 -15.27 -11.45 17.05
CA MET A 578 -15.58 -10.11 17.53
C MET A 578 -16.64 -10.13 18.63
N LYS A 579 -17.70 -10.92 18.46
CA LYS A 579 -18.71 -11.02 19.51
C LYS A 579 -18.07 -11.46 20.83
N GLN A 580 -17.17 -12.43 20.75
CA GLN A 580 -16.48 -12.93 21.93
C GLN A 580 -15.56 -11.87 22.52
N ILE A 581 -14.79 -11.20 21.67
CA ILE A 581 -13.86 -10.17 22.13
C ILE A 581 -14.60 -9.05 22.85
N LEU A 582 -15.67 -8.54 22.24
CA LEU A 582 -16.40 -7.44 22.88
C LEU A 582 -16.99 -7.87 24.23
N MET A 583 -17.47 -9.12 24.31
CA MET A 583 -18.05 -9.59 25.55
CA MET A 583 -18.05 -9.61 25.55
C MET A 583 -17.00 -9.71 26.64
N ASN A 584 -15.90 -10.41 26.35
CA ASN A 584 -14.85 -10.58 27.36
C ASN A 584 -14.20 -9.24 27.70
N TYR A 585 -14.01 -8.38 26.69
CA TYR A 585 -13.47 -7.05 26.97
C TYR A 585 -14.31 -6.32 28.01
N ASN A 586 -15.64 -6.31 27.83
CA ASN A 586 -16.48 -5.61 28.78
CA ASN A 586 -16.49 -5.62 28.79
C ASN A 586 -16.42 -6.26 30.17
N GLU A 587 -16.33 -7.59 30.22
CA GLU A 587 -16.26 -8.27 31.52
C GLU A 587 -14.97 -7.91 32.25
N PHE A 588 -13.83 -7.98 31.54
CA PHE A 588 -12.55 -7.56 32.11
C PHE A 588 -12.58 -6.08 32.50
N LEU A 589 -13.18 -5.23 31.66
CA LEU A 589 -13.19 -3.80 31.97
C LEU A 589 -14.00 -3.52 33.23
N LYS A 590 -15.15 -4.18 33.37
CA LYS A 590 -15.96 -3.96 34.57
C LYS A 590 -15.21 -4.42 35.82
N ALA A 591 -14.49 -5.54 35.71
CA ALA A 591 -13.74 -6.04 36.85
C ALA A 591 -12.64 -5.07 37.25
N LYS A 592 -11.98 -4.48 36.26
CA LYS A 592 -10.97 -3.46 36.51
C LYS A 592 -11.60 -2.21 37.15
N ASN A 593 -12.67 -1.69 36.54
CA ASN A 593 -13.29 -0.46 37.03
C ASN A 593 -13.88 -0.65 38.43
N GLU A 594 -14.50 -1.79 38.69
CA GLU A 594 -15.14 -2.01 39.99
C GLU A 594 -14.19 -2.62 41.01
N LYS A 595 -12.94 -2.85 40.64
CA LYS A 595 -11.93 -3.44 41.53
C LYS A 595 -12.45 -4.73 42.14
N LEU A 596 -13.02 -5.58 41.29
CA LEU A 596 -13.65 -6.79 41.77
C LEU A 596 -12.62 -7.79 42.28
N GLU A 597 -12.95 -8.46 43.38
CA GLU A 597 -12.09 -9.52 43.89
C GLU A 597 -12.31 -10.83 43.17
N SER A 598 -13.47 -11.00 42.52
CA SER A 598 -13.77 -12.17 41.73
C SER A 598 -14.84 -11.80 40.72
N PHE A 599 -14.83 -12.51 39.59
CA PHE A 599 -15.77 -12.24 38.51
C PHE A 599 -15.75 -13.41 37.55
N GLN A 600 -16.66 -13.39 36.59
CA GLN A 600 -16.79 -14.46 35.61
C GLN A 600 -16.52 -13.94 34.21
N LEU A 601 -15.95 -14.82 33.39
CA LEU A 601 -15.74 -14.56 31.97
C LEU A 601 -16.58 -15.56 31.18
N THR A 602 -17.22 -15.07 30.12
CA THR A 602 -17.97 -15.95 29.23
C THR A 602 -17.02 -16.81 28.39
N PRO A 603 -17.10 -18.13 28.45
CA PRO A 603 -16.16 -18.95 27.66
C PRO A 603 -16.39 -18.83 26.16
N VAL A 604 -15.35 -19.22 25.42
CA VAL A 604 -15.46 -19.29 23.96
C VAL A 604 -16.47 -20.37 23.59
N ASN A 605 -17.30 -20.09 22.58
CA ASN A 605 -18.31 -21.03 22.11
C ASN A 605 -17.68 -22.37 21.74
N ALA A 606 -18.17 -23.45 22.36
CA ALA A 606 -17.51 -24.75 22.16
C ALA A 606 -17.75 -25.31 20.77
N GLN A 607 -18.90 -25.01 20.15
CA GLN A 607 -19.15 -25.46 18.78
C GLN A 607 -18.24 -24.72 17.79
N PHE A 608 -17.90 -23.48 18.10
CA PHE A 608 -16.94 -22.73 17.29
C PHE A 608 -15.57 -23.40 17.35
N ILE A 609 -15.12 -23.77 18.56
CA ILE A 609 -13.84 -24.47 18.69
C ILE A 609 -13.88 -25.78 17.92
N ASP A 610 -15.00 -26.50 18.00
CA ASP A 610 -15.17 -27.75 17.27
C ASP A 610 -15.05 -27.52 15.77
N ALA A 611 -15.61 -26.41 15.28
CA ALA A 611 -15.55 -26.12 13.85
C ALA A 611 -14.14 -25.78 13.41
N ILE A 612 -13.39 -25.04 14.23
CA ILE A 612 -11.99 -24.80 13.92
C ILE A 612 -11.26 -26.13 13.80
N LYS A 613 -11.46 -27.03 14.78
CA LYS A 613 -10.83 -28.35 14.72
C LYS A 613 -11.22 -29.08 13.43
N TYR A 614 -12.51 -29.02 13.07
CA TYR A 614 -13.01 -29.70 11.87
C TYR A 614 -12.27 -29.22 10.63
N LEU A 615 -12.12 -27.91 10.47
CA LEU A 615 -11.43 -27.37 9.31
C LEU A 615 -9.94 -27.69 9.35
N LEU A 616 -9.30 -27.52 10.51
CA LEU A 616 -7.88 -27.81 10.62
C LEU A 616 -7.58 -29.26 10.24
N GLU A 617 -8.44 -30.19 10.62
CA GLU A 617 -8.19 -31.60 10.38
C GLU A 617 -8.57 -32.06 8.98
N ASP A 618 -9.15 -31.18 8.16
CA ASP A 618 -9.55 -31.54 6.81
C ASP A 618 -8.36 -31.46 5.88
N PRO A 619 -7.86 -32.59 5.37
CA PRO A 619 -6.68 -32.53 4.49
C PRO A 619 -6.96 -31.85 3.17
N HIS A 620 -8.22 -31.66 2.80
CA HIS A 620 -8.57 -31.00 1.55
C HIS A 620 -8.69 -29.49 1.71
N ALA A 621 -8.58 -28.97 2.92
CA ALA A 621 -8.75 -27.55 3.15
C ALA A 621 -7.42 -26.80 2.97
N ASP A 622 -7.53 -25.50 2.73
CA ASP A 622 -6.40 -24.67 2.35
C ASP A 622 -5.59 -24.24 3.57
N ALA A 623 -4.26 -24.40 3.50
CA ALA A 623 -3.40 -24.08 4.64
C ALA A 623 -3.42 -22.59 4.95
N GLY A 624 -3.47 -21.74 3.93
CA GLY A 624 -3.52 -20.30 4.19
C GLY A 624 -4.80 -19.90 4.91
N PHE A 625 -5.93 -20.43 4.45
CA PHE A 625 -7.20 -20.19 5.14
C PHE A 625 -7.15 -20.65 6.59
N LYS A 626 -6.58 -21.84 6.82
CA LYS A 626 -6.44 -22.35 8.19
C LYS A 626 -5.68 -21.36 9.07
N SER A 627 -4.62 -20.74 8.56
CA SER A 627 -3.86 -19.82 9.38
CA SER A 627 -3.86 -19.81 9.36
C SER A 627 -4.70 -18.60 9.76
N TYR A 628 -5.65 -18.20 8.92
CA TYR A 628 -6.52 -17.08 9.28
C TYR A 628 -7.48 -17.46 10.40
N ILE A 629 -8.01 -18.69 10.37
CA ILE A 629 -9.08 -19.00 11.31
C ILE A 629 -8.56 -19.19 12.73
N VAL A 630 -7.28 -19.52 12.91
CA VAL A 630 -6.72 -19.64 14.25
C VAL A 630 -6.14 -18.33 14.77
N SER A 631 -6.24 -17.25 13.99
CA SER A 631 -5.74 -15.94 14.38
C SER A 631 -6.92 -15.03 14.72
N LEU A 632 -6.84 -14.33 15.85
CA LEU A 632 -7.85 -13.35 16.17
C LEU A 632 -7.75 -12.17 15.22
N PRO A 633 -8.83 -11.41 15.07
CA PRO A 633 -8.78 -10.21 14.22
C PRO A 633 -7.69 -9.25 14.69
N GLN A 634 -7.11 -8.54 13.73
CA GLN A 634 -6.09 -7.53 14.01
C GLN A 634 -6.56 -6.53 15.07
N ASP A 635 -5.63 -6.09 15.92
CA ASP A 635 -5.97 -5.06 16.90
C ASP A 635 -6.58 -3.83 16.23
N ARG A 636 -6.01 -3.40 15.10
CA ARG A 636 -6.53 -2.22 14.43
C ARG A 636 -7.90 -2.43 13.80
N TYR A 637 -8.31 -3.68 13.58
CA TYR A 637 -9.69 -3.95 13.23
C TYR A 637 -10.58 -3.86 14.45
N ILE A 638 -10.13 -4.46 15.55
CA ILE A 638 -10.92 -4.48 16.79
C ILE A 638 -11.21 -3.07 17.26
N ILE A 639 -10.25 -2.17 17.15
CA ILE A 639 -10.40 -0.85 17.79
C ILE A 639 -11.54 -0.05 17.16
N ASN A 640 -11.93 -0.36 15.93
CA ASN A 640 -13.04 0.34 15.33
C ASN A 640 -14.36 0.07 16.02
N PHE A 641 -14.41 -0.92 16.90
CA PHE A 641 -15.64 -1.34 17.53
C PHE A 641 -15.71 -1.03 19.02
N VAL A 642 -14.71 -0.39 19.58
CA VAL A 642 -14.66 -0.12 21.01
C VAL A 642 -14.35 1.34 21.23
N SER A 643 -15.16 2.01 22.08
CA SER A 643 -14.85 3.36 22.50
C SER A 643 -13.91 3.33 23.68
N ASN A 644 -13.00 4.30 23.75
CA ASN A 644 -12.12 4.47 24.91
C ASN A 644 -11.36 3.17 25.20
N LEU A 645 -10.80 2.59 24.14
CA LEU A 645 -10.21 1.26 24.24
C LEU A 645 -9.02 1.25 25.18
N ASP A 646 -9.13 0.46 26.25
CA ASP A 646 -8.04 0.22 27.20
C ASP A 646 -7.18 -0.91 26.63
N THR A 647 -5.97 -0.59 26.18
CA THR A 647 -5.18 -1.57 25.47
C THR A 647 -4.74 -2.72 26.37
N ASP A 648 -4.58 -2.47 27.66
CA ASP A 648 -4.26 -3.54 28.59
CA ASP A 648 -4.25 -3.55 28.56
C ASP A 648 -5.42 -4.52 28.72
N VAL A 649 -6.64 -3.98 28.79
CA VAL A 649 -7.80 -4.84 28.89
C VAL A 649 -7.97 -5.65 27.61
N LEU A 650 -7.71 -5.03 26.46
CA LEU A 650 -7.79 -5.79 25.21
C LEU A 650 -6.73 -6.90 25.17
N ALA A 651 -5.51 -6.60 25.63
CA ALA A 651 -4.47 -7.62 25.68
C ALA A 651 -4.87 -8.78 26.58
N ASP A 652 -5.48 -8.48 27.73
CA ASP A 652 -5.99 -9.55 28.61
C ASP A 652 -7.09 -10.34 27.91
N THR A 653 -7.94 -9.65 27.14
CA THR A 653 -9.03 -10.31 26.44
C THR A 653 -8.50 -11.29 25.41
N LYS A 654 -7.58 -10.83 24.57
CA LYS A 654 -6.98 -11.70 23.58
C LYS A 654 -6.30 -12.90 24.23
N GLU A 655 -5.57 -12.65 25.32
CA GLU A 655 -4.87 -13.74 25.99
CA GLU A 655 -4.87 -13.75 25.97
C GLU A 655 -5.84 -14.81 26.47
N TYR A 656 -6.96 -14.39 27.09
CA TYR A 656 -7.95 -15.34 27.56
C TYR A 656 -8.52 -16.18 26.42
N ILE A 657 -8.89 -15.52 25.32
CA ILE A 657 -9.50 -16.24 24.20
C ILE A 657 -8.51 -17.21 23.57
N TYR A 658 -7.27 -16.77 23.32
CA TYR A 658 -6.27 -17.69 22.78
C TYR A 658 -6.05 -18.88 23.71
N LYS A 659 -6.04 -18.64 25.03
CA LYS A 659 -5.79 -19.76 25.95
C LYS A 659 -6.98 -20.72 25.98
N GLN A 660 -8.21 -20.18 25.90
CA GLN A 660 -9.40 -21.03 25.85
C GLN A 660 -9.34 -21.97 24.66
N ILE A 661 -9.00 -21.45 23.48
CA ILE A 661 -8.95 -22.28 22.29
C ILE A 661 -7.76 -23.22 22.36
N GLY A 662 -6.59 -22.72 22.76
CA GLY A 662 -5.42 -23.58 22.87
C GLY A 662 -5.60 -24.72 23.86
N ASP A 663 -6.29 -24.47 24.97
CA ASP A 663 -6.53 -25.54 25.95
C ASP A 663 -7.31 -26.69 25.31
N LYS A 664 -8.07 -26.43 24.25
CA LYS A 664 -8.74 -27.51 23.55
C LYS A 664 -7.96 -28.03 22.35
N LEU A 665 -7.23 -27.17 21.63
CA LEU A 665 -6.72 -27.53 20.32
C LEU A 665 -5.21 -27.69 20.24
N ASN A 666 -4.46 -27.46 21.32
CA ASN A 666 -2.99 -27.47 21.19
C ASN A 666 -2.47 -28.80 20.66
N ASP A 667 -3.07 -29.93 21.06
CA ASP A 667 -2.60 -31.21 20.57
C ASP A 667 -2.83 -31.33 19.06
N VAL A 668 -3.95 -30.80 18.58
CA VAL A 668 -4.20 -30.71 17.15
C VAL A 668 -3.16 -29.84 16.47
N TYR A 669 -2.88 -28.67 17.07
CA TYR A 669 -1.88 -27.76 16.53
C TYR A 669 -0.52 -28.44 16.39
N TYR A 670 -0.11 -29.16 17.43
CA TYR A 670 1.20 -29.80 17.41
C TYR A 670 1.26 -30.91 16.36
N LYS A 671 0.21 -31.73 16.30
CA LYS A 671 0.14 -32.78 15.28
C LYS A 671 0.24 -32.19 13.87
N MET A 672 -0.44 -31.07 13.62
CA MET A 672 -0.37 -30.46 12.29
C MET A 672 1.00 -29.86 12.03
N PHE A 673 1.57 -29.19 13.04
CA PHE A 673 2.91 -28.64 12.89
C PHE A 673 3.90 -29.71 12.45
N LYS A 674 3.78 -30.91 13.01
CA LYS A 674 4.70 -31.98 12.63
C LYS A 674 4.35 -32.54 11.25
N SER A 675 3.06 -32.68 10.94
CA SER A 675 2.71 -33.39 9.71
C SER A 675 2.89 -32.51 8.48
N LEU A 676 2.81 -31.19 8.65
CA LEU A 676 3.01 -30.25 7.56
C LEU A 676 4.47 -30.12 7.16
N GLU A 677 5.39 -30.64 7.96
CA GLU A 677 6.80 -30.29 7.81
C GLU A 677 7.34 -30.69 6.45
N ALA A 678 7.06 -31.92 6.01
CA ALA A 678 7.65 -32.43 4.77
C ALA A 678 7.30 -31.58 3.57
N LYS A 679 6.01 -31.26 3.39
CA LYS A 679 5.62 -30.43 2.26
C LYS A 679 5.99 -28.97 2.45
N ALA A 680 5.82 -28.46 3.67
CA ALA A 680 6.07 -27.05 3.90
C ALA A 680 7.52 -26.68 3.63
N ASP A 681 8.46 -27.52 4.07
CA ASP A 681 9.87 -27.16 4.03
C ASP A 681 10.63 -27.88 2.92
N ASP A 682 9.91 -28.46 1.96
CA ASP A 682 10.55 -29.14 0.83
C ASP A 682 11.58 -28.25 0.16
N LEU A 683 12.79 -28.78 -0.02
CA LEU A 683 13.92 -28.05 -0.56
C LEU A 683 14.19 -28.37 -2.03
N THR A 684 13.31 -29.14 -2.69
CA THR A 684 13.56 -29.56 -4.06
C THR A 684 13.93 -28.40 -4.96
N TYR A 685 13.27 -27.25 -4.79
CA TYR A 685 13.46 -26.10 -5.67
C TYR A 685 14.13 -24.93 -4.99
N PHE A 686 14.86 -25.20 -3.90
CA PHE A 686 15.47 -24.12 -3.12
C PHE A 686 16.45 -23.30 -3.97
N ASN A 687 17.11 -23.92 -4.95
CA ASN A 687 18.09 -23.23 -5.77
C ASN A 687 17.57 -22.88 -7.16
N ASP A 688 16.26 -22.84 -7.33
CA ASP A 688 15.61 -22.37 -8.56
C ASP A 688 14.80 -21.13 -8.21
N GLU A 689 15.29 -19.95 -8.60
CA GLU A 689 14.57 -18.72 -8.27
C GLU A 689 13.40 -18.44 -9.18
N SER A 690 13.19 -19.25 -10.20
CA SER A 690 12.01 -19.10 -11.04
C SER A 690 10.82 -19.88 -10.49
N HIS A 691 11.03 -20.77 -9.53
CA HIS A 691 10.00 -21.69 -9.05
C HIS A 691 9.46 -21.19 -7.72
N VAL A 692 8.24 -20.64 -7.74
CA VAL A 692 7.64 -20.05 -6.55
C VAL A 692 6.28 -20.70 -6.34
N ASP A 693 6.07 -21.25 -5.16
CA ASP A 693 4.92 -22.10 -4.86
C ASP A 693 4.18 -21.44 -3.73
N PHE A 694 3.11 -20.72 -4.05
CA PHE A 694 2.40 -19.95 -3.05
C PHE A 694 1.65 -20.85 -2.08
N ASP A 695 1.20 -22.03 -2.53
CA ASP A 695 0.60 -22.99 -1.60
C ASP A 695 1.63 -23.42 -0.56
N GLN A 696 2.84 -23.75 -1.01
CA GLN A 696 3.88 -24.15 -0.08
C GLN A 696 4.20 -23.05 0.93
N MET A 697 4.29 -21.81 0.47
CA MET A 697 4.54 -20.71 1.42
C MET A 697 3.40 -20.57 2.42
N ASN A 698 2.16 -20.78 1.98
CA ASN A 698 1.04 -20.77 2.92
C ASN A 698 1.14 -21.90 3.94
N MET A 699 1.67 -23.04 3.52
CA MET A 699 1.92 -24.14 4.46
C MET A 699 2.92 -23.71 5.53
N ARG A 700 3.96 -22.98 5.14
CA ARG A 700 4.90 -22.47 6.13
C ARG A 700 4.25 -21.41 7.02
N THR A 701 3.41 -20.54 6.43
CA THR A 701 2.68 -19.59 7.26
C THR A 701 1.88 -20.31 8.33
N LEU A 702 1.17 -21.38 7.94
CA LEU A 702 0.41 -22.16 8.91
C LEU A 702 1.32 -22.75 9.98
N ARG A 703 2.44 -23.36 9.58
CA ARG A 703 3.35 -23.94 10.57
C ARG A 703 3.87 -22.87 11.52
N ASN A 704 4.25 -21.72 10.98
CA ASN A 704 4.82 -20.69 11.82
C ASN A 704 3.77 -20.06 12.71
N THR A 705 2.52 -19.99 12.24
CA THR A 705 1.41 -19.54 13.09
C THR A 705 1.17 -20.53 14.23
N LEU A 706 1.12 -21.83 13.91
CA LEU A 706 0.90 -22.83 14.95
C LEU A 706 2.04 -22.84 15.95
N LEU A 707 3.28 -22.67 15.48
CA LEU A 707 4.43 -22.68 16.38
C LEU A 707 4.34 -21.52 17.36
N SER A 708 3.92 -20.34 16.87
CA SER A 708 3.71 -19.18 17.74
C SER A 708 2.67 -19.49 18.81
N LEU A 709 1.53 -20.08 18.41
CA LEU A 709 0.51 -20.44 19.39
C LEU A 709 1.02 -21.45 20.41
N LEU A 710 1.79 -22.43 19.96
CA LEU A 710 2.27 -23.46 20.88
C LEU A 710 3.35 -22.90 21.79
N SER A 711 4.17 -21.99 21.30
CA SER A 711 5.23 -21.41 22.12
CA SER A 711 5.23 -21.41 22.12
C SER A 711 4.65 -20.51 23.20
N LYS A 712 3.67 -19.66 22.85
CA LYS A 712 2.99 -18.85 23.85
CA LYS A 712 3.00 -18.85 23.86
C LYS A 712 2.35 -19.74 24.91
N ALA A 713 1.80 -20.87 24.49
CA ALA A 713 1.15 -21.78 25.43
C ALA A 713 2.13 -22.56 26.30
N GLN A 714 3.44 -22.47 26.04
CA GLN A 714 4.42 -23.30 26.73
C GLN A 714 4.06 -24.78 26.61
N TYR A 715 3.67 -25.16 25.40
CA TYR A 715 3.37 -26.55 25.10
C TYR A 715 4.56 -27.42 25.49
N PRO A 716 4.34 -28.61 26.06
CA PRO A 716 5.46 -29.37 26.61
C PRO A 716 6.55 -29.63 25.58
N ASN A 717 7.78 -29.28 25.97
CA ASN A 717 9.00 -29.49 25.19
C ASN A 717 8.96 -28.84 23.81
N ILE A 718 8.11 -27.82 23.61
CA ILE A 718 8.07 -27.14 22.31
C ILE A 718 9.39 -26.44 22.00
N LEU A 719 10.21 -26.15 23.02
CA LEU A 719 11.50 -25.54 22.76
C LEU A 719 12.37 -26.43 21.87
N ASN A 720 12.20 -27.76 21.96
CA ASN A 720 12.89 -28.66 21.05
C ASN A 720 12.56 -28.34 19.60
N GLU A 721 11.28 -28.15 19.30
CA GLU A 721 10.87 -27.81 17.95
C GLU A 721 11.41 -26.45 17.54
N ILE A 722 11.44 -25.50 18.47
CA ILE A 722 11.93 -24.15 18.15
C ILE A 722 13.39 -24.23 17.72
N ILE A 723 14.20 -24.95 18.50
CA ILE A 723 15.62 -25.05 18.20
C ILE A 723 15.85 -25.72 16.86
N GLU A 724 15.10 -26.79 16.58
CA GLU A 724 15.24 -27.43 15.26
C GLU A 724 14.78 -26.52 14.14
N HIS A 725 13.70 -25.75 14.38
CA HIS A 725 13.21 -24.79 13.40
C HIS A 725 14.29 -23.75 13.05
N SER A 726 15.10 -23.37 14.03
CA SER A 726 16.18 -22.40 13.80
C SER A 726 17.23 -22.90 12.83
N LYS A 727 17.27 -24.21 12.56
CA LYS A 727 18.23 -24.79 11.64
C LYS A 727 17.71 -24.89 10.22
N SER A 728 16.47 -24.49 9.98
CA SER A 728 15.86 -24.57 8.65
C SER A 728 16.56 -23.60 7.69
N PRO A 729 16.75 -24.00 6.42
CA PRO A 729 17.32 -23.06 5.43
C PRO A 729 16.42 -21.87 5.10
N TYR A 730 15.13 -21.91 5.42
CA TYR A 730 14.20 -20.85 4.99
C TYR A 730 14.17 -19.73 6.01
N PRO A 731 14.50 -18.48 5.62
CA PRO A 731 14.44 -17.38 6.60
C PRO A 731 13.10 -17.22 7.28
N SER A 732 11.98 -17.46 6.58
CA SER A 732 10.70 -17.40 7.27
C SER A 732 10.71 -18.31 8.49
N ASN A 733 11.33 -19.48 8.38
CA ASN A 733 11.37 -20.38 9.53
C ASN A 733 12.38 -19.93 10.57
N TRP A 734 13.62 -19.65 10.17
CA TRP A 734 14.58 -19.37 11.23
C TRP A 734 14.36 -17.99 11.85
N LEU A 735 13.73 -17.04 11.15
CA LEU A 735 13.33 -15.82 11.85
C LEU A 735 12.13 -16.05 12.75
N THR A 736 11.20 -16.93 12.36
CA THR A 736 10.14 -17.30 13.28
C THR A 736 10.72 -17.92 14.55
N SER A 737 11.76 -18.74 14.40
CA SER A 737 12.34 -19.37 15.59
C SER A 737 12.83 -18.30 16.56
N LEU A 738 13.36 -17.19 16.06
CA LEU A 738 13.76 -16.11 16.95
C LEU A 738 12.55 -15.54 17.68
N SER A 739 11.50 -15.16 16.94
CA SER A 739 10.36 -14.50 17.59
C SER A 739 9.66 -15.42 18.59
N VAL A 740 9.46 -16.70 18.26
CA VAL A 740 8.75 -17.56 19.20
C VAL A 740 9.61 -17.96 20.39
N SER A 741 10.94 -17.85 20.26
CA SER A 741 11.81 -18.14 21.40
C SER A 741 11.76 -17.05 22.46
N ALA A 742 11.06 -15.94 22.18
CA ALA A 742 10.94 -14.87 23.16
C ALA A 742 10.43 -15.37 24.50
N TYR A 743 9.64 -16.43 24.50
CA TYR A 743 9.04 -16.97 25.72
C TYR A 743 9.97 -17.95 26.43
N PHE A 744 11.23 -18.07 26.00
CA PHE A 744 12.16 -19.04 26.55
C PHE A 744 13.51 -18.39 26.83
N ASP A 745 14.30 -19.05 27.67
CA ASP A 745 15.59 -18.50 28.03
C ASP A 745 16.63 -18.62 26.92
N LYS A 746 16.28 -19.19 25.78
CA LYS A 746 17.19 -19.29 24.65
C LYS A 746 17.06 -18.11 23.69
N TYR A 747 16.26 -17.10 24.02
CA TYR A 747 16.01 -16.00 23.10
C TYR A 747 17.30 -15.35 22.64
N PHE A 748 18.17 -14.97 23.57
CA PHE A 748 19.36 -14.23 23.14
C PHE A 748 20.38 -15.13 22.44
N GLU A 749 20.35 -16.43 22.71
CA GLU A 749 21.14 -17.37 21.90
C GLU A 749 20.66 -17.36 20.45
N LEU A 750 19.34 -17.38 20.24
CA LEU A 750 18.85 -17.33 18.87
C LEU A 750 18.97 -15.92 18.29
N TYR A 751 18.90 -14.89 19.14
CA TYR A 751 19.16 -13.52 18.71
C TYR A 751 20.53 -13.44 18.03
N ASP A 752 21.56 -13.97 18.69
CA ASP A 752 22.91 -13.93 18.14
C ASP A 752 23.03 -14.79 16.90
N LYS A 753 22.44 -15.99 16.91
CA LYS A 753 22.60 -16.89 15.77
C LYS A 753 21.96 -16.29 14.53
N THR A 754 20.74 -15.77 14.67
CA THR A 754 20.05 -15.21 13.50
C THR A 754 20.67 -13.89 13.07
N TYR A 755 21.23 -13.11 14.00
CA TYR A 755 21.97 -11.92 13.60
C TYR A 755 23.13 -12.28 12.70
N LYS A 756 23.91 -13.30 13.08
CA LYS A 756 25.04 -13.72 12.26
CA LYS A 756 25.05 -13.70 12.25
C LYS A 756 24.58 -14.21 10.89
N LEU A 757 23.40 -14.86 10.83
CA LEU A 757 22.86 -15.29 9.54
C LEU A 757 22.40 -14.12 8.68
N SER A 758 22.04 -12.99 9.31
CA SER A 758 21.39 -11.89 8.61
C SER A 758 22.31 -10.74 8.28
N LYS A 759 23.45 -10.62 8.95
CA LYS A 759 24.16 -9.34 8.97
C LYS A 759 24.83 -9.00 7.65
N ASP A 760 25.01 -9.96 6.75
CA ASP A 760 25.77 -9.70 5.53
C ASP A 760 24.90 -9.51 4.30
N ASP A 761 23.59 -9.40 4.48
CA ASP A 761 22.68 -9.05 3.39
C ASP A 761 21.80 -7.91 3.90
N GLU A 762 21.84 -6.78 3.19
CA GLU A 762 21.24 -5.55 3.70
C GLU A 762 19.75 -5.73 3.99
N LEU A 763 19.06 -6.43 3.10
CA LEU A 763 17.61 -6.60 3.24
C LEU A 763 17.27 -7.65 4.28
N LEU A 764 18.07 -8.73 4.33
CA LEU A 764 17.85 -9.74 5.35
C LEU A 764 18.07 -9.16 6.75
N LEU A 765 19.11 -8.32 6.90
CA LEU A 765 19.33 -7.65 8.18
C LEU A 765 18.12 -6.80 8.56
N GLN A 766 17.50 -6.14 7.59
CA GLN A 766 16.29 -5.37 7.92
C GLN A 766 15.16 -6.28 8.38
N GLU A 767 15.04 -7.47 7.77
CA GLU A 767 14.01 -8.40 8.23
C GLU A 767 14.32 -8.90 9.64
N TRP A 768 15.60 -9.09 9.95
CA TRP A 768 16.00 -9.45 11.31
C TRP A 768 15.63 -8.34 12.29
N LEU A 769 15.91 -7.09 11.92
CA LEU A 769 15.51 -5.95 12.76
C LEU A 769 14.01 -5.96 13.04
N LYS A 770 13.20 -6.20 12.00
CA LYS A 770 11.74 -6.27 12.22
C LYS A 770 11.39 -7.39 13.17
N THR A 771 12.06 -8.54 13.05
CA THR A 771 11.75 -9.68 13.92
C THR A 771 12.07 -9.37 15.36
N VAL A 772 13.23 -8.74 15.61
CA VAL A 772 13.57 -8.33 16.97
C VAL A 772 12.54 -7.31 17.46
N SER A 773 12.24 -6.33 16.61
CA SER A 773 11.36 -5.25 17.00
C SER A 773 9.97 -5.74 17.43
N ARG A 774 9.45 -6.78 16.76
CA ARG A 774 8.13 -7.30 17.12
C ARG A 774 8.19 -8.45 18.12
N SER A 775 9.37 -8.76 18.66
CA SER A 775 9.50 -9.84 19.62
C SER A 775 8.70 -9.55 20.89
N ASP A 776 8.00 -10.57 21.40
CA ASP A 776 7.15 -10.39 22.59
C ASP A 776 8.01 -10.57 23.83
N ARG A 777 8.77 -9.52 24.13
CA ARG A 777 9.78 -9.54 25.19
C ARG A 777 9.44 -8.50 26.26
N LYS A 778 9.59 -8.91 27.53
CA LYS A 778 9.37 -7.97 28.61
C LYS A 778 10.44 -6.89 28.65
N ASP A 779 11.65 -7.22 28.17
CA ASP A 779 12.77 -6.29 28.09
C ASP A 779 12.88 -5.62 26.72
N ILE A 780 11.75 -5.44 26.01
CA ILE A 780 11.81 -4.93 24.65
C ILE A 780 12.43 -3.53 24.60
N TYR A 781 12.19 -2.69 25.61
CA TYR A 781 12.77 -1.35 25.55
C TYR A 781 14.29 -1.39 25.64
N GLU A 782 14.83 -2.27 26.49
CA GLU A 782 16.26 -2.45 26.56
C GLU A 782 16.81 -3.03 25.25
N ILE A 783 16.06 -3.96 24.66
CA ILE A 783 16.45 -4.53 23.38
C ILE A 783 16.48 -3.46 22.29
N LEU A 784 15.49 -2.57 22.27
CA LEU A 784 15.50 -1.50 21.27
C LEU A 784 16.70 -0.59 21.45
N LYS A 785 17.05 -0.28 22.70
CA LYS A 785 18.23 0.54 22.93
C LYS A 785 19.48 -0.15 22.40
N LYS A 786 19.56 -1.48 22.56
CA LYS A 786 20.69 -2.23 22.01
C LYS A 786 20.71 -2.19 20.48
N LEU A 787 19.55 -2.30 19.83
CA LEU A 787 19.51 -2.18 18.37
C LEU A 787 20.00 -0.81 17.94
N GLU A 788 19.57 0.24 18.66
CA GLU A 788 20.00 1.59 18.33
C GLU A 788 21.51 1.72 18.41
N ASN A 789 22.11 1.23 19.51
CA ASN A 789 23.53 1.45 19.73
C ASN A 789 24.40 0.57 18.85
N GLU A 790 23.92 -0.62 18.49
CA GLU A 790 24.77 -1.64 17.87
C GLU A 790 24.53 -1.83 16.39
N VAL A 791 23.32 -1.60 15.88
CA VAL A 791 22.97 -1.90 14.50
C VAL A 791 22.47 -0.66 13.76
N LEU A 792 21.45 0.01 14.30
CA LEU A 792 20.83 1.12 13.58
C LEU A 792 21.74 2.34 13.55
N LYS A 793 22.22 2.76 14.73
CA LYS A 793 23.03 3.96 14.87
C LYS A 793 22.36 5.15 14.21
N ASP A 794 23.12 5.96 13.45
CA ASP A 794 22.54 7.15 12.84
C ASP A 794 22.22 6.95 11.38
N SER A 795 21.87 5.73 10.98
CA SER A 795 21.43 5.48 9.61
C SER A 795 20.29 6.42 9.23
N LYS A 796 20.35 6.94 8.02
CA LYS A 796 19.25 7.68 7.43
C LYS A 796 18.46 6.86 6.43
N ASN A 797 18.73 5.57 6.36
CA ASN A 797 18.02 4.70 5.41
C ASN A 797 16.62 4.44 5.95
N PRO A 798 15.56 4.86 5.26
CA PRO A 798 14.21 4.64 5.78
C PRO A 798 13.88 3.20 6.09
N ASN A 799 14.42 2.26 5.30
CA ASN A 799 14.16 0.85 5.57
C ASN A 799 14.70 0.44 6.93
N ASP A 800 15.84 1.02 7.32
CA ASP A 800 16.45 0.71 8.61
C ASP A 800 15.60 1.26 9.75
N ILE A 801 15.21 2.53 9.64
CA ILE A 801 14.45 3.18 10.71
C ILE A 801 13.08 2.54 10.84
N ARG A 802 12.39 2.32 9.72
CA ARG A 802 11.07 1.69 9.79
C ARG A 802 11.16 0.27 10.35
N ALA A 803 12.22 -0.47 10.04
CA ALA A 803 12.33 -1.84 10.54
C ALA A 803 12.51 -1.89 12.05
N VAL A 804 13.26 -0.94 12.60
CA VAL A 804 13.55 -0.97 14.03
C VAL A 804 12.31 -0.60 14.85
N TYR A 805 11.50 0.34 14.36
CA TYR A 805 10.49 0.97 15.22
C TYR A 805 9.06 0.60 14.91
N LEU A 806 8.65 0.45 13.64
CA LEU A 806 7.24 0.20 13.36
C LEU A 806 6.71 -1.13 13.91
N PRO A 807 7.42 -2.27 13.78
CA PRO A 807 6.83 -3.52 14.33
C PRO A 807 6.56 -3.41 15.82
N PHE A 808 7.50 -2.80 16.56
CA PHE A 808 7.33 -2.60 17.99
C PHE A 808 6.07 -1.79 18.31
N THR A 809 5.71 -0.83 17.45
CA THR A 809 4.53 -0.03 17.77
C THR A 809 3.25 -0.86 17.73
N ASN A 810 3.30 -2.08 17.22
CA ASN A 810 2.16 -2.97 17.23
C ASN A 810 2.15 -3.88 18.45
N ASN A 811 3.11 -3.71 19.35
CA ASN A 811 3.15 -4.47 20.60
C ASN A 811 2.12 -3.85 21.53
N LEU A 812 0.96 -4.50 21.63
CA LEU A 812 -0.17 -3.90 22.32
C LEU A 812 0.13 -3.61 23.79
N ARG A 813 0.78 -4.55 24.47
CA ARG A 813 1.04 -4.39 25.90
CA ARG A 813 1.03 -4.36 25.89
C ARG A 813 2.17 -3.38 26.16
N ARG A 814 3.23 -3.42 25.34
CA ARG A 814 4.43 -2.65 25.67
C ARG A 814 4.51 -1.28 25.01
N PHE A 815 4.12 -1.14 23.73
CA PHE A 815 4.14 0.18 23.12
C PHE A 815 3.19 1.11 23.83
N HIS A 816 2.06 0.58 24.30
CA HIS A 816 1.05 1.36 25.00
C HIS A 816 1.25 1.35 26.52
N ASP A 817 2.48 1.11 26.98
CA ASP A 817 2.79 1.17 28.40
C ASP A 817 2.22 2.45 29.00
N ILE A 818 1.51 2.30 30.12
CA ILE A 818 0.75 3.40 30.71
C ILE A 818 1.63 4.57 31.14
N SER A 819 2.95 4.37 31.27
CA SER A 819 3.86 5.47 31.53
C SER A 819 3.94 6.45 30.36
N GLY A 820 3.54 6.02 29.17
CA GLY A 820 3.73 6.81 27.97
C GLY A 820 5.11 6.71 27.36
N LYS A 821 5.97 5.82 27.87
CA LYS A 821 7.36 5.81 27.41
C LYS A 821 7.50 5.32 25.97
N GLY A 822 6.56 4.52 25.49
CA GLY A 822 6.61 4.13 24.09
C GLY A 822 6.20 5.26 23.16
N TYR A 823 5.19 6.05 23.57
CA TYR A 823 4.81 7.24 22.83
C TYR A 823 5.96 8.24 22.79
N LYS A 824 6.66 8.39 23.92
CA LYS A 824 7.80 9.29 23.99
C LYS A 824 8.90 8.85 23.05
N LEU A 825 9.18 7.54 23.02
CA LEU A 825 10.25 7.03 22.18
C LEU A 825 9.95 7.28 20.70
N ILE A 826 8.76 6.91 20.25
CA ILE A 826 8.45 7.07 18.82
CA ILE A 826 8.47 7.08 18.82
C ILE A 826 8.41 8.55 18.46
N ALA A 827 7.94 9.42 19.36
CA ALA A 827 7.93 10.84 19.07
C ALA A 827 9.36 11.38 18.91
N GLU A 828 10.29 10.89 19.73
CA GLU A 828 11.68 11.29 19.57
C GLU A 828 12.23 10.86 18.21
N VAL A 829 11.88 9.65 17.77
CA VAL A 829 12.32 9.15 16.46
C VAL A 829 11.74 10.01 15.35
N ILE A 830 10.45 10.34 15.45
CA ILE A 830 9.79 11.15 14.44
C ILE A 830 10.49 12.51 14.32
N THR A 831 10.70 13.19 15.44
CA THR A 831 11.35 14.50 15.39
C THR A 831 12.77 14.38 14.83
N LYS A 832 13.49 13.34 15.22
CA LYS A 832 14.85 13.16 14.70
C LYS A 832 14.83 12.93 13.19
N THR A 833 13.92 12.07 12.71
CA THR A 833 13.82 11.78 11.29
C THR A 833 13.34 12.98 10.50
N ASP A 834 12.51 13.84 11.11
CA ASP A 834 11.94 14.99 10.43
C ASP A 834 13.01 15.99 10.02
N LYS A 835 14.18 15.98 10.67
CA LYS A 835 15.23 16.90 10.29
C LYS A 835 15.76 16.61 8.89
N PHE A 836 15.68 15.37 8.43
CA PHE A 836 16.25 15.03 7.13
C PHE A 836 15.27 14.38 6.16
N ASN A 837 14.17 13.79 6.62
CA ASN A 837 13.21 13.15 5.72
C ASN A 837 11.79 13.32 6.24
N PRO A 838 11.16 14.46 5.95
CA PRO A 838 9.81 14.71 6.49
C PRO A 838 8.78 13.71 6.04
N MET A 839 8.89 13.19 4.81
CA MET A 839 7.91 12.21 4.36
C MET A 839 7.93 10.97 5.25
N VAL A 840 9.13 10.44 5.52
CA VAL A 840 9.23 9.24 6.35
C VAL A 840 8.91 9.56 7.81
N ALA A 841 9.30 10.75 8.29
CA ALA A 841 8.90 11.14 9.66
C ALA A 841 7.38 11.08 9.82
N THR A 842 6.63 11.51 8.80
CA THR A 842 5.18 11.45 8.90
C THR A 842 4.68 10.01 8.83
N GLN A 843 5.35 9.14 8.06
CA GLN A 843 4.98 7.72 8.09
C GLN A 843 5.15 7.15 9.48
N LEU A 844 6.17 7.60 10.21
CA LEU A 844 6.41 7.08 11.54
C LEU A 844 5.38 7.56 12.55
N CYS A 845 4.51 8.50 12.18
CA CYS A 845 3.39 8.90 13.03
C CYS A 845 2.25 7.89 13.04
N GLU A 846 2.32 6.84 12.23
CA GLU A 846 1.19 5.93 12.09
C GLU A 846 0.59 5.45 13.42
N PRO A 847 1.36 5.10 14.46
CA PRO A 847 0.71 4.61 15.69
C PRO A 847 -0.19 5.65 16.34
N PHE A 848 0.04 6.94 16.11
CA PHE A 848 -0.79 7.96 16.72
C PHE A 848 -2.14 8.12 16.04
N LYS A 849 -2.36 7.48 14.89
CA LYS A 849 -3.59 7.72 14.14
C LYS A 849 -4.83 7.34 14.94
N LEU A 850 -4.71 6.40 15.87
CA LEU A 850 -5.85 5.94 16.66
C LEU A 850 -5.94 6.64 18.02
N TRP A 851 -5.21 7.75 18.22
CA TRP A 851 -5.04 8.32 19.56
C TRP A 851 -6.37 8.58 20.26
N ASN A 852 -7.35 9.13 19.55
CA ASN A 852 -8.59 9.52 20.22
C ASN A 852 -9.54 8.34 20.36
N LYS A 853 -9.10 7.13 20.05
CA LYS A 853 -9.92 5.94 20.25
CA LYS A 853 -9.90 5.93 20.24
C LYS A 853 -9.54 5.17 21.50
N LEU A 854 -8.47 5.57 22.19
CA LEU A 854 -7.97 4.83 23.34
C LEU A 854 -8.63 5.33 24.63
N ASP A 855 -8.28 4.70 25.75
CA ASP A 855 -8.78 5.17 27.03
C ASP A 855 -8.26 6.57 27.32
N THR A 856 -8.96 7.29 28.20
CA THR A 856 -8.69 8.72 28.34
C THR A 856 -7.26 8.99 28.81
N LYS A 857 -6.66 8.12 29.60
CA LYS A 857 -5.28 8.36 30.02
C LYS A 857 -4.31 8.24 28.84
N ARG A 858 -4.51 7.24 27.99
CA ARG A 858 -3.62 7.08 26.85
C ARG A 858 -3.88 8.14 25.79
N GLN A 859 -5.14 8.59 25.66
CA GLN A 859 -5.42 9.74 24.79
C GLN A 859 -4.58 10.93 25.22
N GLU A 860 -4.58 11.23 26.52
CA GLU A 860 -3.81 12.37 27.03
C GLU A 860 -2.31 12.19 26.78
N LEU A 861 -1.80 10.99 27.00
CA LEU A 861 -0.37 10.74 26.81
C LEU A 861 0.03 10.92 25.36
N MET A 862 -0.75 10.36 24.43
CA MET A 862 -0.44 10.50 23.01
C MET A 862 -0.56 11.96 22.58
N LEU A 863 -1.63 12.63 23.00
CA LEU A 863 -1.82 14.03 22.64
C LEU A 863 -0.67 14.88 23.14
N ASN A 864 -0.18 14.61 24.36
CA ASN A 864 0.96 15.37 24.86
CA ASN A 864 0.97 15.35 24.89
C ASN A 864 2.17 15.24 23.96
N GLU A 865 2.46 14.03 23.48
CA GLU A 865 3.62 13.86 22.61
C GLU A 865 3.41 14.54 21.27
N MET A 866 2.18 14.48 20.73
CA MET A 866 1.92 15.14 19.47
C MET A 866 2.05 16.65 19.61
N ASN A 867 1.61 17.20 20.74
CA ASN A 867 1.74 18.64 20.95
C ASN A 867 3.21 19.01 21.13
N THR A 868 3.98 18.16 21.80
CA THR A 868 5.42 18.37 21.90
C THR A 868 6.07 18.40 20.51
N MET A 869 5.69 17.47 19.64
CA MET A 869 6.25 17.47 18.28
C MET A 869 5.85 18.73 17.53
N LEU A 870 4.60 19.18 17.71
CA LEU A 870 4.11 20.38 17.02
C LEU A 870 4.84 21.63 17.46
N GLN A 871 5.41 21.62 18.65
CA GLN A 871 6.10 22.79 19.19
C GLN A 871 7.57 22.84 18.81
N GLU A 872 8.08 21.84 18.08
CA GLU A 872 9.47 21.87 17.64
C GLU A 872 9.67 23.02 16.66
N PRO A 873 10.57 23.96 16.93
CA PRO A 873 10.71 25.13 16.04
C PRO A 873 11.06 24.75 14.61
N GLN A 874 11.76 23.64 14.39
CA GLN A 874 12.21 23.27 13.06
C GLN A 874 11.29 22.26 12.37
N ILE A 875 10.04 22.14 12.83
CA ILE A 875 9.14 21.13 12.27
C ILE A 875 8.90 21.36 10.78
N SER A 876 8.87 20.28 10.02
CA SER A 876 8.66 20.34 8.58
C SER A 876 7.21 20.72 8.25
N ASN A 877 7.02 21.18 7.02
CA ASN A 877 5.66 21.40 6.53
C ASN A 877 4.84 20.11 6.58
N ASN A 878 5.44 18.98 6.16
CA ASN A 878 4.74 17.70 6.17
C ASN A 878 4.23 17.35 7.55
N LEU A 879 5.14 17.33 8.52
CA LEU A 879 4.78 16.83 9.83
C LEU A 879 3.82 17.77 10.54
N LYS A 880 4.02 19.08 10.35
CA LYS A 880 3.14 20.06 10.99
C LYS A 880 1.72 19.92 10.47
N GLU A 881 1.54 19.87 9.16
CA GLU A 881 0.17 19.83 8.65
C GLU A 881 -0.51 18.52 9.00
N TYR A 882 0.27 17.43 9.02
CA TYR A 882 -0.29 16.13 9.40
C TYR A 882 -0.74 16.14 10.84
N LEU A 883 0.13 16.62 11.75
CA LEU A 883 -0.24 16.58 13.16
C LEU A 883 -1.32 17.57 13.49
N LEU A 884 -1.39 18.70 12.77
CA LEU A 884 -2.49 19.63 12.99
C LEU A 884 -3.81 18.98 12.61
N ARG A 885 -3.87 18.27 11.48
CA ARG A 885 -5.09 17.58 11.10
C ARG A 885 -5.40 16.45 12.08
N LEU A 886 -4.38 15.71 12.52
CA LEU A 886 -4.64 14.55 13.37
C LEU A 886 -5.11 14.95 14.76
N THR A 887 -4.64 16.07 15.28
CA THR A 887 -5.06 16.52 16.61
C THR A 887 -6.27 17.45 16.58
N ASN A 888 -6.92 17.61 15.41
CA ASN A 888 -8.11 18.46 15.31
C ASN A 888 -7.83 19.88 15.80
N LYS A 889 -6.64 20.39 15.54
CA LYS A 889 -6.30 21.74 16.02
C LYS A 889 -6.88 22.80 15.10
#